data_2JUF
#
_entry.id   2JUF
#
_entity_poly.entity_id   1
_entity_poly.type   'polypeptide(L)'
_entity_poly.pdbx_seq_one_letter_code
;GSHMRSEFSSRGGYGEYVQQTLQPGMRVRMLDDYEEISAGDEGEFRQSNNGIPPVQVFWQSTGRTYWVHWHMLEILGPEE
ATEDKASAAVEKGAGATVLGTAFPS
;
_entity_poly.pdbx_strand_id   A
#
# COMPACT_ATOMS: atom_id res chain seq x y z
N TYR A 14 3.21 -10.34 -8.55
CA TYR A 14 3.65 -8.95 -8.36
C TYR A 14 3.66 -8.58 -6.86
N GLY A 15 2.72 -9.21 -6.11
CA GLY A 15 2.60 -9.04 -4.68
C GLY A 15 3.84 -9.52 -3.92
N GLU A 16 4.50 -10.55 -4.46
CA GLU A 16 5.77 -11.05 -3.93
C GLU A 16 6.85 -9.98 -4.06
N TYR A 17 6.96 -9.37 -5.27
CA TYR A 17 7.99 -8.36 -5.59
C TYR A 17 7.91 -7.18 -4.62
N VAL A 18 6.69 -6.62 -4.46
CA VAL A 18 6.49 -5.44 -3.61
C VAL A 18 6.73 -5.79 -2.13
N GLN A 19 6.29 -6.99 -1.70
CA GLN A 19 6.48 -7.48 -0.33
C GLN A 19 7.99 -7.51 0.06
N GLN A 20 8.86 -7.75 -0.95
CA GLN A 20 10.31 -7.87 -0.73
C GLN A 20 10.97 -6.48 -0.65
N THR A 21 10.54 -5.54 -1.52
CA THR A 21 11.24 -4.25 -1.74
C THR A 21 10.58 -3.06 -1.00
N LEU A 22 9.41 -3.28 -0.36
CA LEU A 22 8.70 -2.21 0.39
C LEU A 22 9.48 -1.80 1.66
N GLN A 23 10.08 -0.61 1.61
CA GLN A 23 10.91 -0.07 2.70
C GLN A 23 10.04 0.70 3.71
N PRO A 24 10.35 0.60 5.05
CA PRO A 24 9.64 1.35 6.12
C PRO A 24 9.69 2.88 5.97
N GLY A 25 8.84 3.44 5.07
CA GLY A 25 8.69 4.89 4.92
C GLY A 25 8.76 5.36 3.48
N MET A 26 8.55 4.44 2.51
CA MET A 26 8.60 4.79 1.07
C MET A 26 7.19 5.11 0.54
N ARG A 27 7.14 5.53 -0.72
CA ARG A 27 5.94 6.07 -1.38
C ARG A 27 5.28 4.94 -2.20
N VAL A 28 3.99 4.72 -1.95
CA VAL A 28 3.22 3.62 -2.55
C VAL A 28 2.10 4.18 -3.46
N ARG A 29 1.45 3.27 -4.18
CA ARG A 29 0.45 3.58 -5.23
C ARG A 29 -0.65 2.50 -5.18
N MET A 30 -1.89 2.93 -5.38
CA MET A 30 -3.05 2.03 -5.42
C MET A 30 -3.42 1.74 -6.89
N LEU A 31 -3.22 0.48 -7.35
CA LEU A 31 -3.48 0.12 -8.77
C LEU A 31 -4.94 -0.34 -8.98
N ASP A 32 -5.72 -0.42 -7.90
CA ASP A 32 -7.14 -0.85 -7.94
C ASP A 32 -7.95 0.01 -6.98
N ASP A 33 -9.26 0.18 -7.22
CA ASP A 33 -10.11 1.01 -6.35
C ASP A 33 -10.43 0.26 -5.05
N TYR A 34 -10.16 0.93 -3.92
CA TYR A 34 -10.36 0.37 -2.58
C TYR A 34 -11.57 1.02 -1.89
N GLU A 35 -11.91 0.45 -0.71
CA GLU A 35 -13.12 0.77 0.09
C GLU A 35 -13.31 2.29 0.33
N GLU A 36 -12.19 3.01 0.51
CA GLU A 36 -12.18 4.47 0.76
C GLU A 36 -11.07 5.17 -0.03
N ILE A 37 -10.36 4.39 -0.87
CA ILE A 37 -9.16 4.81 -1.61
C ILE A 37 -9.45 4.68 -3.11
N SER A 38 -8.92 5.60 -3.91
CA SER A 38 -9.10 5.60 -5.37
C SER A 38 -7.97 4.82 -6.06
N ALA A 39 -8.26 4.27 -7.25
CA ALA A 39 -7.23 3.76 -8.16
C ALA A 39 -6.49 4.97 -8.76
N GLY A 40 -5.20 5.08 -8.45
CA GLY A 40 -4.39 6.24 -8.80
C GLY A 40 -3.99 7.07 -7.58
N ASP A 41 -4.52 6.69 -6.39
CA ASP A 41 -4.16 7.35 -5.12
C ASP A 41 -2.81 6.82 -4.61
N GLU A 42 -2.12 7.62 -3.79
CA GLU A 42 -0.77 7.30 -3.29
C GLU A 42 -0.69 7.43 -1.76
N GLY A 43 0.30 6.75 -1.18
CA GLY A 43 0.43 6.63 0.27
C GLY A 43 1.88 6.50 0.70
N GLU A 44 2.08 6.11 1.97
CA GLU A 44 3.42 5.83 2.52
C GLU A 44 3.36 4.54 3.34
N PHE A 45 4.39 3.70 3.21
CA PHE A 45 4.53 2.48 4.01
C PHE A 45 4.81 2.85 5.47
N ARG A 46 3.90 2.43 6.36
CA ARG A 46 3.97 2.74 7.79
C ARG A 46 4.46 1.51 8.55
N GLN A 47 3.86 0.35 8.21
CA GLN A 47 4.22 -0.97 8.75
C GLN A 47 3.44 -2.05 7.97
N SER A 48 3.95 -3.28 7.98
CA SER A 48 3.30 -4.43 7.35
C SER A 48 3.20 -5.59 8.35
N ASN A 49 2.58 -6.68 7.89
CA ASN A 49 2.55 -7.96 8.60
C ASN A 49 3.25 -9.00 7.72
N ASN A 50 4.12 -9.83 8.31
CA ASN A 50 4.94 -10.82 7.57
C ASN A 50 4.06 -11.93 6.97
N GLY A 51 3.23 -12.53 7.84
CA GLY A 51 2.37 -13.64 7.46
C GLY A 51 0.99 -13.21 6.97
N ILE A 52 0.56 -12.00 7.38
CA ILE A 52 -0.77 -11.48 7.04
C ILE A 52 -0.61 -10.45 5.89
N PRO A 53 -1.15 -10.73 4.66
CA PRO A 53 -0.94 -9.86 3.48
C PRO A 53 -1.43 -8.36 3.55
N PRO A 54 -2.55 -7.96 4.26
CA PRO A 54 -2.92 -6.53 4.39
C PRO A 54 -1.82 -5.70 5.12
N VAL A 55 -1.12 -4.87 4.33
CA VAL A 55 -0.20 -3.83 4.83
C VAL A 55 -0.97 -2.52 5.06
N GLN A 56 -0.69 -1.87 6.20
CA GLN A 56 -1.31 -0.57 6.54
C GLN A 56 -0.40 0.56 6.00
N VAL A 57 -1.00 1.41 5.17
CA VAL A 57 -0.32 2.51 4.44
C VAL A 57 -1.20 3.77 4.53
N PHE A 58 -0.57 4.92 4.78
CA PHE A 58 -1.29 6.19 4.98
C PHE A 58 -1.63 6.81 3.62
N TRP A 59 -2.90 6.72 3.22
CA TRP A 59 -3.41 7.20 1.92
C TRP A 59 -3.85 8.65 2.01
N GLN A 60 -3.37 9.48 1.06
CA GLN A 60 -3.60 10.92 1.07
C GLN A 60 -5.06 11.30 0.77
N SER A 61 -5.78 10.49 -0.05
CA SER A 61 -7.17 10.80 -0.44
C SER A 61 -8.14 10.64 0.75
N THR A 62 -8.00 9.52 1.49
CA THR A 62 -8.84 9.24 2.67
C THR A 62 -8.24 9.89 3.94
N GLY A 63 -6.95 10.25 3.88
CA GLY A 63 -6.25 10.95 4.96
C GLY A 63 -5.88 10.05 6.14
N ARG A 64 -5.84 8.72 5.92
CA ARG A 64 -5.64 7.74 7.01
C ARG A 64 -4.98 6.44 6.51
N THR A 65 -4.49 5.65 7.47
CA THR A 65 -3.79 4.40 7.23
C THR A 65 -4.79 3.24 7.14
N TYR A 66 -4.80 2.53 6.00
CA TYR A 66 -5.80 1.48 5.72
C TYR A 66 -5.13 0.18 5.26
N TRP A 67 -5.87 -0.93 5.45
CA TRP A 67 -5.44 -2.29 5.12
C TRP A 67 -5.58 -2.55 3.61
N VAL A 68 -4.45 -2.75 2.90
CA VAL A 68 -4.45 -3.06 1.45
C VAL A 68 -3.59 -4.30 1.16
N HIS A 69 -3.90 -4.98 0.05
CA HIS A 69 -3.24 -6.25 -0.34
C HIS A 69 -2.00 -5.94 -1.21
N TRP A 70 -0.96 -6.80 -1.10
CA TRP A 70 0.33 -6.61 -1.80
C TRP A 70 0.18 -6.58 -3.33
N HIS A 71 -0.66 -7.49 -3.89
CA HIS A 71 -0.82 -7.61 -5.36
C HIS A 71 -1.50 -6.35 -5.95
N MET A 72 -2.28 -5.63 -5.11
CA MET A 72 -2.92 -4.36 -5.50
C MET A 72 -2.14 -3.14 -4.98
N LEU A 73 -1.05 -3.40 -4.24
CA LEU A 73 -0.10 -2.37 -3.81
C LEU A 73 1.03 -2.30 -4.87
N GLU A 74 1.18 -1.11 -5.45
CA GLU A 74 2.24 -0.79 -6.42
C GLU A 74 3.16 0.28 -5.81
N ILE A 75 4.43 0.33 -6.20
CA ILE A 75 5.34 1.45 -5.85
C ILE A 75 5.75 2.22 -7.13
N LEU A 76 5.47 3.54 -7.12
CA LEU A 76 5.91 4.47 -8.19
C LEU A 76 6.76 5.60 -7.57
N GLY A 77 7.01 5.49 -6.25
CA GLY A 77 7.85 6.44 -5.51
C GLY A 77 9.34 6.34 -5.89
N TYR A 14 3.88 -10.52 -8.37
CA TYR A 14 4.15 -9.07 -8.22
C TYR A 14 4.01 -8.67 -6.75
N GLY A 15 3.03 -9.29 -6.08
CA GLY A 15 2.77 -9.08 -4.66
C GLY A 15 3.92 -9.57 -3.78
N GLU A 16 4.60 -10.62 -4.25
CA GLU A 16 5.76 -11.17 -3.55
C GLU A 16 6.92 -10.18 -3.65
N TYR A 17 7.16 -9.69 -4.89
CA TYR A 17 8.27 -8.77 -5.20
C TYR A 17 8.18 -7.47 -4.38
N VAL A 18 6.99 -6.84 -4.37
CA VAL A 18 6.76 -5.57 -3.66
C VAL A 18 7.00 -5.75 -2.15
N GLN A 19 6.54 -6.88 -1.59
CA GLN A 19 6.70 -7.21 -0.16
C GLN A 19 8.18 -7.23 0.27
N GLN A 20 9.05 -7.71 -0.63
CA GLN A 20 10.49 -7.85 -0.36
C GLN A 20 11.23 -6.49 -0.51
N THR A 21 10.78 -5.67 -1.49
CA THR A 21 11.42 -4.37 -1.80
C THR A 21 10.65 -3.16 -1.19
N LEU A 22 9.63 -3.44 -0.34
CA LEU A 22 8.86 -2.38 0.34
C LEU A 22 9.71 -1.77 1.46
N GLN A 23 10.06 -0.49 1.29
CA GLN A 23 10.95 0.25 2.20
C GLN A 23 10.11 0.88 3.34
N PRO A 24 10.57 0.77 4.65
CA PRO A 24 9.82 1.32 5.82
C PRO A 24 9.71 2.86 5.81
N GLY A 25 8.74 3.38 5.01
CA GLY A 25 8.44 4.81 4.97
C GLY A 25 8.53 5.37 3.57
N MET A 26 8.32 4.51 2.56
CA MET A 26 8.42 4.89 1.15
C MET A 26 7.03 5.22 0.58
N ARG A 27 7.05 5.79 -0.61
CA ARG A 27 5.86 6.25 -1.33
C ARG A 27 5.35 5.10 -2.21
N VAL A 28 4.06 4.79 -2.03
CA VAL A 28 3.36 3.75 -2.78
C VAL A 28 2.25 4.40 -3.61
N ARG A 29 1.63 3.61 -4.49
CA ARG A 29 0.54 4.04 -5.37
C ARG A 29 -0.53 2.92 -5.39
N MET A 30 -1.82 3.31 -5.45
CA MET A 30 -2.95 2.38 -5.43
C MET A 30 -3.35 2.03 -6.87
N LEU A 31 -3.15 0.76 -7.28
CA LEU A 31 -3.45 0.31 -8.66
C LEU A 31 -4.91 -0.19 -8.79
N ASP A 32 -5.60 -0.32 -7.64
CA ASP A 32 -6.98 -0.90 -7.56
C ASP A 32 -7.89 0.08 -6.80
N ASP A 33 -9.23 -0.07 -6.93
CA ASP A 33 -10.20 0.79 -6.20
C ASP A 33 -10.47 0.18 -4.83
N TYR A 34 -10.68 1.03 -3.83
CA TYR A 34 -10.88 0.61 -2.42
C TYR A 34 -12.08 1.32 -1.79
N GLU A 35 -12.42 0.88 -0.56
CA GLU A 35 -13.57 1.38 0.24
C GLU A 35 -13.58 2.92 0.35
N GLU A 36 -12.40 3.47 0.67
CA GLU A 36 -12.20 4.91 0.91
C GLU A 36 -10.99 5.47 0.12
N ILE A 37 -10.29 4.57 -0.62
CA ILE A 37 -9.17 4.95 -1.47
C ILE A 37 -9.58 4.74 -2.94
N SER A 38 -9.13 5.62 -3.83
CA SER A 38 -9.41 5.52 -5.27
C SER A 38 -8.17 4.99 -6.01
N ALA A 39 -8.38 4.35 -7.17
CA ALA A 39 -7.28 3.87 -8.01
C ALA A 39 -6.53 5.07 -8.61
N GLY A 40 -5.26 5.23 -8.20
CA GLY A 40 -4.42 6.36 -8.61
C GLY A 40 -3.87 7.13 -7.41
N ASP A 41 -4.48 6.93 -6.23
CA ASP A 41 -4.09 7.63 -4.98
C ASP A 41 -2.73 7.15 -4.47
N GLU A 42 -2.03 8.01 -3.71
CA GLU A 42 -0.68 7.74 -3.21
C GLU A 42 -0.69 7.59 -1.68
N GLY A 43 0.08 6.61 -1.20
CA GLY A 43 0.21 6.30 0.22
C GLY A 43 1.65 6.27 0.67
N GLU A 44 1.88 5.95 1.95
CA GLU A 44 3.22 5.76 2.49
C GLU A 44 3.23 4.49 3.34
N PHE A 45 4.29 3.68 3.21
CA PHE A 45 4.45 2.45 3.98
C PHE A 45 4.71 2.79 5.45
N ARG A 46 3.83 2.32 6.33
CA ARG A 46 3.94 2.59 7.78
C ARG A 46 4.38 1.32 8.52
N GLN A 47 3.70 0.21 8.19
CA GLN A 47 3.99 -1.13 8.75
C GLN A 47 3.22 -2.20 7.95
N SER A 48 3.58 -3.46 8.14
CA SER A 48 3.02 -4.60 7.40
C SER A 48 3.06 -5.88 8.21
N ASN A 49 2.57 -6.95 7.58
CA ASN A 49 2.73 -8.33 8.02
C ASN A 49 3.43 -9.09 6.89
N ASN A 50 4.59 -9.72 7.17
CA ASN A 50 5.42 -10.40 6.15
C ASN A 50 4.94 -11.84 5.87
N GLY A 51 3.87 -12.25 6.56
CA GLY A 51 3.24 -13.56 6.34
C GLY A 51 1.77 -13.42 6.00
N ILE A 52 1.13 -12.34 6.50
CA ILE A 52 -0.30 -12.05 6.26
C ILE A 52 -0.37 -10.87 5.25
N PRO A 53 -1.12 -11.00 4.12
CA PRO A 53 -1.09 -9.99 3.03
C PRO A 53 -1.55 -8.51 3.32
N PRO A 54 -2.51 -8.19 4.29
CA PRO A 54 -2.89 -6.77 4.57
C PRO A 54 -1.71 -5.94 5.14
N VAL A 55 -1.16 -5.05 4.29
CA VAL A 55 -0.24 -3.98 4.70
C VAL A 55 -1.02 -2.68 4.91
N GLN A 56 -0.76 -2.01 6.05
CA GLN A 56 -1.39 -0.73 6.36
C GLN A 56 -0.48 0.41 5.87
N VAL A 57 -1.06 1.28 5.05
CA VAL A 57 -0.37 2.40 4.36
C VAL A 57 -1.23 3.66 4.50
N PHE A 58 -0.57 4.80 4.75
CA PHE A 58 -1.23 6.11 4.98
C PHE A 58 -1.61 6.75 3.65
N TRP A 59 -2.91 6.74 3.33
CA TRP A 59 -3.46 7.26 2.07
C TRP A 59 -3.89 8.71 2.25
N GLN A 60 -3.45 9.58 1.32
CA GLN A 60 -3.74 11.02 1.36
C GLN A 60 -5.23 11.33 1.02
N SER A 61 -5.90 10.43 0.24
CA SER A 61 -7.31 10.62 -0.16
C SER A 61 -8.24 10.64 1.06
N THR A 62 -8.03 9.67 1.97
CA THR A 62 -8.82 9.50 3.19
C THR A 62 -8.07 10.11 4.41
N GLY A 63 -6.78 10.44 4.19
CA GLY A 63 -5.93 11.07 5.23
C GLY A 63 -5.61 10.16 6.40
N ARG A 64 -5.70 8.82 6.21
CA ARG A 64 -5.44 7.83 7.27
C ARG A 64 -4.92 6.51 6.69
N THR A 65 -4.51 5.62 7.58
CA THR A 65 -3.89 4.35 7.25
C THR A 65 -4.99 3.30 6.99
N TYR A 66 -4.81 2.45 5.96
CA TYR A 66 -5.81 1.43 5.60
C TYR A 66 -5.14 0.14 5.12
N TRP A 67 -5.89 -0.97 5.26
CA TRP A 67 -5.46 -2.33 4.92
C TRP A 67 -5.57 -2.54 3.41
N VAL A 68 -4.45 -2.85 2.75
CA VAL A 68 -4.41 -3.17 1.30
C VAL A 68 -3.62 -4.47 1.07
N HIS A 69 -3.83 -5.08 -0.11
CA HIS A 69 -3.18 -6.34 -0.49
C HIS A 69 -1.91 -6.03 -1.30
N TRP A 70 -0.85 -6.85 -1.15
CA TRP A 70 0.47 -6.62 -1.80
C TRP A 70 0.37 -6.59 -3.34
N HIS A 71 -0.35 -7.57 -3.92
CA HIS A 71 -0.51 -7.71 -5.40
C HIS A 71 -1.45 -6.62 -5.95
N MET A 72 -2.26 -6.05 -5.05
CA MET A 72 -3.20 -4.94 -5.37
C MET A 72 -2.58 -3.57 -4.97
N LEU A 73 -1.32 -3.62 -4.48
CA LEU A 73 -0.53 -2.44 -4.13
C LEU A 73 0.63 -2.27 -5.11
N GLU A 74 0.81 -1.05 -5.59
CA GLU A 74 1.95 -0.66 -6.43
C GLU A 74 2.89 0.20 -5.59
N ILE A 75 4.19 0.19 -5.93
CA ILE A 75 5.16 1.18 -5.41
C ILE A 75 5.63 2.09 -6.54
N LEU A 76 5.73 3.40 -6.23
CA LEU A 76 6.17 4.44 -7.16
C LEU A 76 6.61 5.63 -6.30
N GLY A 77 7.92 5.73 -6.05
CA GLY A 77 8.47 6.78 -5.20
C GLY A 77 9.98 6.69 -5.08
N TYR A 14 4.69 -9.93 -8.58
CA TYR A 14 4.78 -8.51 -8.20
C TYR A 14 4.43 -8.32 -6.71
N GLY A 15 3.43 -9.07 -6.23
CA GLY A 15 3.00 -9.00 -4.83
C GLY A 15 4.06 -9.50 -3.85
N GLU A 16 4.73 -10.59 -4.23
CA GLU A 16 5.83 -11.17 -3.44
C GLU A 16 7.07 -10.26 -3.50
N TYR A 17 7.30 -9.65 -4.69
CA TYR A 17 8.43 -8.74 -4.96
C TYR A 17 8.34 -7.48 -4.09
N VAL A 18 7.16 -6.83 -4.08
CA VAL A 18 6.94 -5.57 -3.36
C VAL A 18 7.11 -5.79 -1.85
N GLN A 19 6.63 -6.94 -1.34
CA GLN A 19 6.72 -7.31 0.08
C GLN A 19 8.18 -7.30 0.56
N GLN A 20 9.09 -7.77 -0.30
CA GLN A 20 10.53 -7.84 0.01
C GLN A 20 11.21 -6.47 -0.12
N THR A 21 10.82 -5.67 -1.15
CA THR A 21 11.49 -4.39 -1.48
C THR A 21 10.82 -3.16 -0.83
N LEU A 22 9.76 -3.37 -0.02
CA LEU A 22 9.08 -2.26 0.72
C LEU A 22 10.01 -1.74 1.87
N GLN A 23 10.24 -0.43 1.91
CA GLN A 23 11.10 0.25 2.91
C GLN A 23 10.25 1.20 3.78
N PRO A 24 10.40 1.19 5.15
CA PRO A 24 9.57 2.02 6.07
C PRO A 24 9.76 3.54 5.85
N GLY A 25 8.92 4.11 4.98
CA GLY A 25 8.92 5.55 4.72
C GLY A 25 8.96 5.88 3.23
N MET A 26 8.83 4.85 2.37
CA MET A 26 8.73 5.05 0.92
C MET A 26 7.26 5.27 0.57
N ARG A 27 6.99 5.90 -0.58
CA ARG A 27 5.63 6.17 -1.04
C ARG A 27 5.13 4.97 -1.85
N VAL A 28 3.81 4.87 -1.91
CA VAL A 28 3.10 3.82 -2.62
C VAL A 28 1.99 4.48 -3.44
N ARG A 29 1.31 3.69 -4.27
CA ARG A 29 0.19 4.17 -5.10
C ARG A 29 -0.77 2.97 -5.32
N MET A 30 -2.08 3.23 -5.41
CA MET A 30 -3.12 2.21 -5.57
C MET A 30 -3.53 2.09 -7.04
N LEU A 31 -3.50 0.86 -7.59
CA LEU A 31 -3.79 0.59 -9.02
C LEU A 31 -5.26 0.18 -9.24
N ASP A 32 -6.01 -0.04 -8.14
CA ASP A 32 -7.40 -0.57 -8.18
C ASP A 32 -8.33 0.27 -7.27
N ASP A 33 -9.65 0.08 -7.38
CA ASP A 33 -10.62 0.75 -6.50
C ASP A 33 -10.71 0.03 -5.14
N TYR A 34 -10.61 0.80 -4.05
CA TYR A 34 -10.74 0.29 -2.67
C TYR A 34 -11.92 0.99 -1.95
N GLU A 35 -12.23 0.47 -0.74
CA GLU A 35 -13.35 0.91 0.12
C GLU A 35 -13.37 2.45 0.34
N GLU A 36 -12.22 3.01 0.71
CA GLU A 36 -12.07 4.47 1.01
C GLU A 36 -10.93 5.09 0.18
N ILE A 37 -10.29 4.27 -0.65
CA ILE A 37 -9.14 4.65 -1.46
C ILE A 37 -9.54 4.52 -2.93
N SER A 38 -9.36 5.58 -3.71
CA SER A 38 -9.69 5.57 -5.14
C SER A 38 -8.47 5.10 -5.96
N ALA A 39 -8.74 4.55 -7.16
CA ALA A 39 -7.66 4.11 -8.07
C ALA A 39 -6.83 5.32 -8.51
N GLY A 40 -5.56 5.35 -8.08
CA GLY A 40 -4.64 6.45 -8.36
C GLY A 40 -4.04 7.07 -7.12
N ASP A 41 -4.72 6.87 -5.97
CA ASP A 41 -4.33 7.46 -4.68
C ASP A 41 -2.94 6.97 -4.23
N GLU A 42 -2.18 7.88 -3.62
CA GLU A 42 -0.83 7.62 -3.10
C GLU A 42 -0.86 7.50 -1.58
N GLY A 43 0.05 6.66 -1.06
CA GLY A 43 0.18 6.41 0.36
C GLY A 43 1.63 6.38 0.77
N GLU A 44 1.90 6.03 2.03
CA GLU A 44 3.27 5.81 2.51
C GLU A 44 3.30 4.53 3.34
N PHE A 45 4.37 3.75 3.18
CA PHE A 45 4.58 2.51 3.92
C PHE A 45 4.92 2.83 5.38
N ARG A 46 4.07 2.33 6.29
CA ARG A 46 4.16 2.62 7.73
C ARG A 46 4.66 1.37 8.46
N GLN A 47 4.04 0.22 8.13
CA GLN A 47 4.39 -1.12 8.66
C GLN A 47 3.74 -2.20 7.78
N SER A 48 4.32 -3.40 7.81
CA SER A 48 3.85 -4.57 7.04
C SER A 48 3.41 -5.70 7.96
N ASN A 49 2.93 -6.77 7.33
CA ASN A 49 2.71 -8.07 7.98
C ASN A 49 3.34 -9.13 7.08
N ASN A 50 4.31 -9.90 7.61
CA ASN A 50 5.08 -10.90 6.83
C ASN A 50 4.21 -12.12 6.49
N GLY A 51 3.29 -12.47 7.41
CA GLY A 51 2.42 -13.64 7.26
C GLY A 51 0.98 -13.29 6.91
N ILE A 52 0.63 -11.98 6.93
CA ILE A 52 -0.74 -11.50 6.63
C ILE A 52 -0.66 -10.56 5.40
N PRO A 53 -1.23 -10.94 4.21
CA PRO A 53 -1.10 -10.14 2.96
C PRO A 53 -1.68 -8.67 2.96
N PRO A 54 -2.76 -8.26 3.73
CA PRO A 54 -3.12 -6.84 3.86
C PRO A 54 -2.05 -6.05 4.66
N VAL A 55 -1.30 -5.19 3.95
CA VAL A 55 -0.36 -4.21 4.53
C VAL A 55 -1.07 -2.88 4.81
N GLN A 56 -0.71 -2.24 5.93
CA GLN A 56 -1.27 -0.94 6.34
C GLN A 56 -0.37 0.21 5.83
N VAL A 57 -0.99 1.12 5.09
CA VAL A 57 -0.32 2.28 4.44
C VAL A 57 -1.21 3.51 4.61
N PHE A 58 -0.58 4.67 4.90
CA PHE A 58 -1.29 5.94 5.14
C PHE A 58 -1.62 6.59 3.78
N TRP A 59 -2.91 6.55 3.42
CA TRP A 59 -3.42 7.06 2.14
C TRP A 59 -3.88 8.51 2.27
N GLN A 60 -3.43 9.37 1.34
CA GLN A 60 -3.67 10.82 1.40
C GLN A 60 -5.13 11.23 1.04
N SER A 61 -5.82 10.40 0.21
CA SER A 61 -7.21 10.72 -0.23
C SER A 61 -8.22 10.52 0.91
N THR A 62 -8.05 9.45 1.69
CA THR A 62 -8.90 9.15 2.85
C THR A 62 -8.34 9.86 4.11
N GLY A 63 -7.00 10.01 4.14
CA GLY A 63 -6.31 10.71 5.24
C GLY A 63 -5.92 9.81 6.41
N ARG A 64 -5.92 8.47 6.20
CA ARG A 64 -5.62 7.47 7.25
C ARG A 64 -5.03 6.18 6.66
N THR A 65 -4.64 5.28 7.58
CA THR A 65 -4.01 3.99 7.27
C THR A 65 -5.08 2.93 7.00
N TYR A 66 -4.94 2.14 5.92
CA TYR A 66 -5.91 1.09 5.56
C TYR A 66 -5.19 -0.18 5.07
N TRP A 67 -5.91 -1.31 5.20
CA TRP A 67 -5.43 -2.65 4.85
C TRP A 67 -5.61 -2.90 3.34
N VAL A 68 -4.48 -3.03 2.61
CA VAL A 68 -4.49 -3.27 1.15
C VAL A 68 -3.58 -4.46 0.79
N HIS A 69 -3.87 -5.11 -0.35
CA HIS A 69 -3.13 -6.30 -0.81
C HIS A 69 -1.81 -5.88 -1.49
N TRP A 70 -0.76 -6.71 -1.33
CA TRP A 70 0.59 -6.44 -1.89
C TRP A 70 0.57 -6.33 -3.43
N HIS A 71 -0.14 -7.26 -4.07
CA HIS A 71 -0.21 -7.33 -5.56
C HIS A 71 -1.03 -6.17 -6.14
N MET A 72 -1.96 -5.61 -5.34
CA MET A 72 -2.75 -4.43 -5.72
C MET A 72 -2.09 -3.12 -5.22
N LEU A 73 -0.93 -3.27 -4.56
CA LEU A 73 -0.12 -2.14 -4.12
C LEU A 73 0.99 -1.89 -5.16
N GLU A 74 0.97 -0.70 -5.77
CA GLU A 74 1.94 -0.29 -6.79
C GLU A 74 2.89 0.76 -6.19
N ILE A 75 4.14 0.38 -5.95
CA ILE A 75 5.11 1.25 -5.27
C ILE A 75 5.88 2.14 -6.27
N LEU A 76 5.66 3.46 -6.15
CA LEU A 76 6.39 4.50 -6.92
C LEU A 76 7.53 5.10 -6.06
N GLY A 77 7.70 4.56 -4.83
CA GLY A 77 8.80 4.93 -3.93
C GLY A 77 10.18 4.62 -4.52
N TYR A 14 3.36 -10.83 -7.91
CA TYR A 14 3.72 -9.39 -7.86
C TYR A 14 3.63 -8.87 -6.41
N GLY A 15 2.67 -9.43 -5.65
CA GLY A 15 2.48 -9.07 -4.26
C GLY A 15 3.63 -9.49 -3.39
N GLU A 16 4.10 -10.72 -3.64
CA GLU A 16 5.24 -11.31 -2.93
C GLU A 16 6.56 -10.66 -3.35
N TYR A 17 6.59 -10.03 -4.54
CA TYR A 17 7.72 -9.20 -4.96
C TYR A 17 7.77 -7.88 -4.15
N VAL A 18 6.62 -7.15 -4.08
CA VAL A 18 6.59 -5.78 -3.54
C VAL A 18 6.91 -5.76 -2.03
N GLN A 19 6.35 -6.72 -1.28
CA GLN A 19 6.54 -6.82 0.20
C GLN A 19 8.03 -6.89 0.60
N GLN A 20 8.86 -7.47 -0.28
CA GLN A 20 10.30 -7.62 -0.05
C GLN A 20 11.05 -6.30 -0.30
N THR A 21 10.61 -5.54 -1.31
CA THR A 21 11.26 -4.26 -1.72
C THR A 21 10.59 -3.01 -1.06
N LEU A 22 9.54 -3.22 -0.23
CA LEU A 22 8.86 -2.11 0.50
C LEU A 22 9.77 -1.59 1.66
N GLN A 23 10.16 -0.30 1.58
CA GLN A 23 11.00 0.38 2.59
C GLN A 23 10.12 1.18 3.57
N PRO A 24 10.39 1.11 4.93
CA PRO A 24 9.58 1.83 5.97
C PRO A 24 9.66 3.37 5.83
N GLY A 25 8.84 3.93 4.93
CA GLY A 25 8.75 5.37 4.72
C GLY A 25 8.84 5.75 3.25
N MET A 26 8.66 4.77 2.35
CA MET A 26 8.64 5.04 0.89
C MET A 26 7.20 5.35 0.43
N ARG A 27 7.14 5.91 -0.77
CA ARG A 27 5.89 6.35 -1.41
C ARG A 27 5.28 5.13 -2.11
N VAL A 28 3.99 4.88 -1.86
CA VAL A 28 3.26 3.76 -2.46
C VAL A 28 2.14 4.31 -3.36
N ARG A 29 1.51 3.42 -4.10
CA ARG A 29 0.53 3.73 -5.14
C ARG A 29 -0.59 2.68 -5.09
N MET A 30 -1.83 3.11 -5.30
CA MET A 30 -2.99 2.22 -5.34
C MET A 30 -3.12 1.69 -6.77
N LEU A 31 -2.85 0.40 -6.94
CA LEU A 31 -2.82 -0.26 -8.25
C LEU A 31 -4.25 -0.60 -8.71
N ASP A 32 -5.15 -0.86 -7.75
CA ASP A 32 -6.56 -1.23 -8.01
C ASP A 32 -7.44 -0.58 -6.95
N ASP A 33 -8.71 -0.29 -7.30
CA ASP A 33 -9.61 0.55 -6.47
C ASP A 33 -9.96 -0.14 -5.14
N TYR A 34 -10.21 0.67 -4.11
CA TYR A 34 -10.46 0.20 -2.74
C TYR A 34 -11.68 0.88 -2.12
N GLU A 35 -12.05 0.37 -0.93
CA GLU A 35 -13.25 0.75 -0.16
C GLU A 35 -13.40 2.28 0.00
N GLU A 36 -12.29 2.93 0.38
CA GLU A 36 -12.23 4.39 0.65
C GLU A 36 -11.04 5.04 -0.10
N ILE A 37 -10.30 4.24 -0.89
CA ILE A 37 -9.17 4.73 -1.71
C ILE A 37 -9.49 4.47 -3.19
N SER A 38 -9.08 5.38 -4.09
CA SER A 38 -9.25 5.20 -5.55
C SER A 38 -7.95 4.69 -6.17
N ALA A 39 -8.08 3.90 -7.27
CA ALA A 39 -6.93 3.44 -8.05
C ALA A 39 -6.18 4.65 -8.66
N GLY A 40 -4.91 4.82 -8.26
CA GLY A 40 -4.09 5.95 -8.68
C GLY A 40 -3.72 6.87 -7.51
N ASP A 41 -4.44 6.74 -6.38
CA ASP A 41 -4.10 7.49 -5.15
C ASP A 41 -2.82 6.92 -4.53
N GLU A 42 -2.07 7.77 -3.84
CA GLU A 42 -0.77 7.41 -3.28
C GLU A 42 -0.77 7.51 -1.75
N GLY A 43 0.01 6.61 -1.14
CA GLY A 43 0.16 6.54 0.30
C GLY A 43 1.62 6.54 0.69
N GLU A 44 1.91 6.17 1.95
CA GLU A 44 3.27 5.92 2.41
C GLU A 44 3.28 4.65 3.25
N PHE A 45 4.35 3.85 3.13
CA PHE A 45 4.51 2.59 3.87
C PHE A 45 4.89 2.88 5.33
N ARG A 46 4.03 2.43 6.27
CA ARG A 46 4.23 2.71 7.71
C ARG A 46 4.67 1.42 8.44
N GLN A 47 3.92 0.33 8.19
CA GLN A 47 4.16 -1.01 8.79
C GLN A 47 3.37 -2.07 7.99
N SER A 48 3.74 -3.35 8.18
CA SER A 48 3.13 -4.46 7.42
C SER A 48 3.35 -5.81 8.08
N ASN A 49 2.80 -6.84 7.43
CA ASN A 49 3.08 -8.25 7.67
C ASN A 49 3.30 -8.88 6.29
N ASN A 50 4.41 -9.61 6.11
CA ASN A 50 4.76 -10.22 4.81
C ASN A 50 3.94 -11.50 4.57
N GLY A 51 3.63 -12.23 5.64
CA GLY A 51 2.83 -13.47 5.57
C GLY A 51 1.33 -13.20 5.64
N ILE A 52 0.95 -12.16 6.38
CA ILE A 52 -0.44 -11.69 6.48
C ILE A 52 -0.56 -10.48 5.53
N PRO A 53 -1.12 -10.66 4.30
CA PRO A 53 -1.00 -9.65 3.21
C PRO A 53 -1.61 -8.23 3.43
N PRO A 54 -2.63 -7.97 4.35
CA PRO A 54 -3.05 -6.58 4.64
C PRO A 54 -1.90 -5.74 5.28
N VAL A 55 -1.30 -4.91 4.43
CA VAL A 55 -0.37 -3.85 4.84
C VAL A 55 -1.14 -2.56 5.13
N GLN A 56 -0.81 -1.90 6.24
CA GLN A 56 -1.38 -0.61 6.60
C GLN A 56 -0.48 0.51 6.01
N VAL A 57 -1.09 1.36 5.18
CA VAL A 57 -0.42 2.45 4.45
C VAL A 57 -1.28 3.70 4.56
N PHE A 58 -0.65 4.87 4.82
CA PHE A 58 -1.37 6.14 5.04
C PHE A 58 -1.72 6.78 3.68
N TRP A 59 -3.01 6.71 3.31
CA TRP A 59 -3.53 7.24 2.03
C TRP A 59 -4.05 8.66 2.21
N GLN A 60 -3.63 9.55 1.30
CA GLN A 60 -4.04 10.97 1.30
C GLN A 60 -5.52 11.15 0.89
N SER A 61 -6.09 10.20 0.10
CA SER A 61 -7.52 10.28 -0.35
C SER A 61 -8.49 10.26 0.84
N THR A 62 -8.22 9.34 1.77
CA THR A 62 -9.07 9.10 2.94
C THR A 62 -8.48 9.79 4.19
N GLY A 63 -7.19 10.14 4.13
CA GLY A 63 -6.52 10.85 5.23
C GLY A 63 -6.13 9.97 6.39
N ARG A 64 -6.05 8.65 6.16
CA ARG A 64 -5.77 7.66 7.22
C ARG A 64 -5.08 6.41 6.66
N THR A 65 -4.62 5.57 7.58
CA THR A 65 -3.91 4.34 7.29
C THR A 65 -4.94 3.22 7.07
N TYR A 66 -4.82 2.46 5.95
CA TYR A 66 -5.81 1.43 5.59
C TYR A 66 -5.13 0.10 5.21
N TRP A 67 -5.91 -0.98 5.39
CA TRP A 67 -5.50 -2.36 5.17
C TRP A 67 -5.68 -2.71 3.68
N VAL A 68 -4.58 -2.69 2.89
CA VAL A 68 -4.62 -3.05 1.45
C VAL A 68 -3.74 -4.29 1.19
N HIS A 69 -3.97 -4.93 0.03
CA HIS A 69 -3.24 -6.15 -0.37
C HIS A 69 -2.00 -5.76 -1.21
N TRP A 70 -0.94 -6.58 -1.07
CA TRP A 70 0.35 -6.37 -1.75
C TRP A 70 0.24 -6.31 -3.29
N HIS A 71 -0.51 -7.26 -3.88
CA HIS A 71 -0.68 -7.37 -5.34
C HIS A 71 -1.47 -6.16 -5.92
N MET A 72 -2.23 -5.47 -5.05
CA MET A 72 -2.95 -4.23 -5.42
C MET A 72 -2.20 -2.98 -4.90
N LEU A 73 -0.98 -3.19 -4.38
CA LEU A 73 -0.07 -2.10 -3.99
C LEU A 73 1.08 -2.06 -5.00
N GLU A 74 1.22 -0.91 -5.66
CA GLU A 74 2.36 -0.56 -6.54
C GLU A 74 3.23 0.47 -5.80
N ILE A 75 4.55 0.50 -6.04
CA ILE A 75 5.44 1.53 -5.45
C ILE A 75 6.01 2.46 -6.54
N LEU A 76 5.66 3.76 -6.47
CA LEU A 76 6.28 4.83 -7.27
C LEU A 76 7.29 5.64 -6.41
N GLY A 77 7.60 5.09 -5.21
CA GLY A 77 8.61 5.66 -4.31
C GLY A 77 10.03 5.60 -4.87
N TYR A 14 3.64 -11.10 -8.02
CA TYR A 14 3.89 -9.65 -7.86
C TYR A 14 3.84 -9.26 -6.37
N GLY A 15 2.97 -9.94 -5.60
CA GLY A 15 2.87 -9.75 -4.15
C GLY A 15 4.14 -10.10 -3.39
N GLU A 16 4.92 -11.06 -3.94
CA GLU A 16 6.22 -11.46 -3.38
C GLU A 16 7.25 -10.35 -3.57
N TYR A 17 7.31 -9.81 -4.82
CA TYR A 17 8.29 -8.78 -5.22
C TYR A 17 8.17 -7.54 -4.33
N VAL A 18 6.93 -7.04 -4.19
CA VAL A 18 6.64 -5.82 -3.41
C VAL A 18 6.93 -6.03 -1.92
N GLN A 19 6.62 -7.25 -1.40
CA GLN A 19 6.80 -7.59 0.04
C GLN A 19 8.28 -7.33 0.48
N GLN A 20 9.21 -7.50 -0.47
CA GLN A 20 10.65 -7.42 -0.22
C GLN A 20 11.18 -6.00 -0.43
N THR A 21 10.81 -5.40 -1.57
CA THR A 21 11.34 -4.09 -2.00
C THR A 21 10.66 -2.90 -1.26
N LEU A 22 9.55 -3.15 -0.55
CA LEU A 22 8.85 -2.10 0.24
C LEU A 22 9.71 -1.66 1.44
N GLN A 23 10.20 -0.41 1.39
CA GLN A 23 11.01 0.20 2.48
C GLN A 23 10.10 1.07 3.38
N PRO A 24 10.20 0.95 4.75
CA PRO A 24 9.35 1.73 5.70
C PRO A 24 9.65 3.24 5.65
N GLY A 25 9.01 3.94 4.69
CA GLY A 25 9.19 5.39 4.50
C GLY A 25 9.16 5.79 3.02
N MET A 26 8.99 4.80 2.12
CA MET A 26 8.82 5.06 0.69
C MET A 26 7.32 5.24 0.41
N ARG A 27 6.99 5.98 -0.65
CA ARG A 27 5.61 6.22 -1.04
C ARG A 27 5.13 5.06 -1.91
N VAL A 28 3.81 4.91 -1.95
CA VAL A 28 3.13 3.88 -2.71
C VAL A 28 2.05 4.54 -3.57
N ARG A 29 1.42 3.75 -4.43
CA ARG A 29 0.34 4.17 -5.30
C ARG A 29 -0.69 3.02 -5.37
N MET A 30 -1.98 3.39 -5.28
CA MET A 30 -3.11 2.46 -5.29
C MET A 30 -3.37 1.99 -6.73
N LEU A 31 -3.09 0.70 -6.98
CA LEU A 31 -3.17 0.12 -8.33
C LEU A 31 -4.64 0.02 -8.81
N ASP A 32 -5.56 -0.28 -7.87
CA ASP A 32 -7.00 -0.46 -8.16
C ASP A 32 -7.81 0.15 -7.01
N ASP A 33 -9.03 0.63 -7.33
CA ASP A 33 -9.86 1.42 -6.41
C ASP A 33 -10.30 0.58 -5.19
N TYR A 34 -10.09 1.13 -4.00
CA TYR A 34 -10.39 0.48 -2.73
C TYR A 34 -11.62 1.11 -2.07
N GLU A 35 -12.03 0.48 -0.96
CA GLU A 35 -13.25 0.79 -0.19
C GLU A 35 -13.41 2.30 0.11
N GLU A 36 -12.31 2.94 0.53
CA GLU A 36 -12.26 4.37 0.88
C GLU A 36 -11.07 5.07 0.20
N ILE A 37 -10.37 4.34 -0.71
CA ILE A 37 -9.20 4.86 -1.47
C ILE A 37 -9.51 4.81 -2.98
N SER A 38 -9.01 5.80 -3.73
CA SER A 38 -9.18 5.84 -5.20
C SER A 38 -7.96 5.19 -5.90
N ALA A 39 -8.20 4.55 -7.06
CA ALA A 39 -7.11 4.07 -7.95
C ALA A 39 -6.34 5.29 -8.51
N GLY A 40 -5.05 5.38 -8.17
CA GLY A 40 -4.22 6.54 -8.55
C GLY A 40 -3.74 7.33 -7.34
N ASP A 41 -4.44 7.12 -6.19
CA ASP A 41 -4.10 7.77 -4.92
C ASP A 41 -2.76 7.27 -4.39
N GLU A 42 -1.99 8.15 -3.75
CA GLU A 42 -0.66 7.82 -3.24
C GLU A 42 -0.67 7.76 -1.71
N GLY A 43 0.12 6.83 -1.19
CA GLY A 43 0.27 6.60 0.25
C GLY A 43 1.72 6.57 0.66
N GLU A 44 1.97 6.12 1.89
CA GLU A 44 3.33 5.81 2.36
C GLU A 44 3.30 4.51 3.16
N PHE A 45 4.33 3.71 3.00
CA PHE A 45 4.50 2.44 3.72
C PHE A 45 5.22 2.71 5.04
N ARG A 46 4.55 2.40 6.18
CA ARG A 46 5.19 2.51 7.52
C ARG A 46 5.29 1.14 8.21
N GLN A 47 4.21 0.35 8.20
CA GLN A 47 4.16 -0.97 8.88
C GLN A 47 3.49 -2.01 7.98
N SER A 48 3.89 -3.29 8.14
CA SER A 48 3.39 -4.41 7.33
C SER A 48 3.29 -5.69 8.16
N ASN A 49 2.57 -6.66 7.60
CA ASN A 49 2.45 -8.01 8.16
C ASN A 49 2.87 -8.99 7.05
N ASN A 50 3.90 -9.80 7.32
CA ASN A 50 4.45 -10.78 6.36
C ASN A 50 3.55 -12.04 6.30
N GLY A 51 2.91 -12.35 7.44
CA GLY A 51 1.98 -13.48 7.55
C GLY A 51 0.55 -13.09 7.18
N ILE A 52 0.15 -11.84 7.53
CA ILE A 52 -1.20 -11.32 7.25
C ILE A 52 -1.11 -10.42 5.99
N PRO A 53 -1.60 -10.88 4.79
CA PRO A 53 -1.38 -10.17 3.52
C PRO A 53 -1.93 -8.70 3.37
N PRO A 54 -3.01 -8.22 4.09
CA PRO A 54 -3.34 -6.77 4.08
C PRO A 54 -2.31 -5.92 4.89
N VAL A 55 -1.50 -5.14 4.14
CA VAL A 55 -0.55 -4.17 4.70
C VAL A 55 -1.24 -2.81 4.94
N GLN A 56 -0.83 -2.12 6.03
CA GLN A 56 -1.34 -0.79 6.39
C GLN A 56 -0.45 0.27 5.72
N VAL A 57 -1.07 1.13 4.91
CA VAL A 57 -0.41 2.24 4.20
C VAL A 57 -1.24 3.50 4.41
N PHE A 58 -0.57 4.62 4.69
CA PHE A 58 -1.26 5.89 4.97
C PHE A 58 -1.64 6.56 3.65
N TRP A 59 -2.92 6.48 3.32
CA TRP A 59 -3.50 7.05 2.10
C TRP A 59 -4.00 8.46 2.38
N GLN A 60 -3.62 9.42 1.54
CA GLN A 60 -4.00 10.83 1.69
C GLN A 60 -5.51 11.05 1.40
N SER A 61 -6.08 10.27 0.43
CA SER A 61 -7.49 10.43 0.01
C SER A 61 -8.46 10.19 1.17
N THR A 62 -8.21 9.11 1.94
CA THR A 62 -9.02 8.76 3.11
C THR A 62 -8.43 9.41 4.39
N GLY A 63 -7.15 9.86 4.31
CA GLY A 63 -6.50 10.58 5.41
C GLY A 63 -5.97 9.68 6.53
N ARG A 64 -5.89 8.36 6.27
CA ARG A 64 -5.57 7.36 7.32
C ARG A 64 -4.89 6.12 6.70
N THR A 65 -4.48 5.17 7.56
CA THR A 65 -3.96 3.87 7.13
C THR A 65 -5.11 2.89 6.88
N TYR A 66 -5.02 2.14 5.78
CA TYR A 66 -6.00 1.12 5.43
C TYR A 66 -5.29 -0.16 4.99
N TRP A 67 -6.01 -1.27 5.13
CA TRP A 67 -5.54 -2.62 4.90
C TRP A 67 -5.72 -2.99 3.43
N VAL A 68 -4.62 -2.94 2.65
CA VAL A 68 -4.64 -3.25 1.20
C VAL A 68 -3.75 -4.47 0.92
N HIS A 69 -4.06 -5.20 -0.16
CA HIS A 69 -3.34 -6.43 -0.53
C HIS A 69 -2.09 -6.07 -1.36
N TRP A 70 -1.02 -6.86 -1.20
CA TRP A 70 0.31 -6.60 -1.81
C TRP A 70 0.25 -6.54 -3.35
N HIS A 71 -0.56 -7.43 -3.95
CA HIS A 71 -0.68 -7.56 -5.42
C HIS A 71 -1.41 -6.35 -6.07
N MET A 72 -2.18 -5.59 -5.26
CA MET A 72 -2.83 -4.34 -5.71
C MET A 72 -2.12 -3.09 -5.12
N LEU A 73 -0.92 -3.29 -4.57
CA LEU A 73 -0.06 -2.18 -4.11
C LEU A 73 1.07 -2.00 -5.13
N GLU A 74 1.16 -0.79 -5.69
CA GLU A 74 2.27 -0.37 -6.55
C GLU A 74 3.16 0.62 -5.77
N ILE A 75 4.45 0.69 -6.11
CA ILE A 75 5.38 1.68 -5.51
C ILE A 75 5.86 2.70 -6.55
N LEU A 76 5.69 3.99 -6.23
CA LEU A 76 6.33 5.11 -6.97
C LEU A 76 7.50 5.68 -6.14
N GLY A 77 7.81 5.00 -5.02
CA GLY A 77 8.96 5.33 -4.18
C GLY A 77 10.30 5.25 -4.94
N TYR A 14 3.80 -10.88 -7.62
CA TYR A 14 4.28 -9.47 -7.65
C TYR A 14 4.19 -8.88 -6.22
N GLY A 15 3.20 -9.39 -5.47
CA GLY A 15 3.00 -9.05 -4.07
C GLY A 15 4.13 -9.49 -3.17
N GLU A 16 4.81 -10.60 -3.54
CA GLU A 16 6.00 -11.07 -2.80
C GLU A 16 7.17 -10.11 -3.05
N TYR A 17 7.32 -9.66 -4.33
CA TYR A 17 8.39 -8.73 -4.74
C TYR A 17 8.30 -7.40 -3.98
N VAL A 18 7.09 -6.81 -3.95
CA VAL A 18 6.85 -5.54 -3.25
C VAL A 18 7.05 -5.72 -1.74
N GLN A 19 6.65 -6.88 -1.21
CA GLN A 19 6.81 -7.25 0.22
C GLN A 19 8.29 -7.13 0.65
N GLN A 20 9.23 -7.36 -0.28
CA GLN A 20 10.67 -7.24 -0.02
C GLN A 20 11.11 -5.77 -0.09
N THR A 21 10.77 -5.10 -1.21
CA THR A 21 11.33 -3.78 -1.58
C THR A 21 10.63 -2.59 -0.88
N LEU A 22 9.51 -2.83 -0.17
CA LEU A 22 8.80 -1.77 0.58
C LEU A 22 9.64 -1.29 1.80
N GLN A 23 10.21 -0.09 1.69
CA GLN A 23 10.99 0.57 2.77
C GLN A 23 10.05 1.39 3.67
N PRO A 24 10.19 1.29 5.05
CA PRO A 24 9.46 2.17 6.00
C PRO A 24 9.75 3.66 5.77
N GLY A 25 8.92 4.29 4.92
CA GLY A 25 8.98 5.72 4.64
C GLY A 25 8.88 6.05 3.16
N MET A 26 8.79 5.01 2.29
CA MET A 26 8.63 5.21 0.84
C MET A 26 7.15 5.33 0.48
N ARG A 27 6.91 5.82 -0.74
CA ARG A 27 5.59 6.16 -1.25
C ARG A 27 5.02 4.98 -2.07
N VAL A 28 3.73 4.72 -1.91
CA VAL A 28 3.02 3.64 -2.59
C VAL A 28 1.93 4.23 -3.51
N ARG A 29 1.30 3.39 -4.31
CA ARG A 29 0.24 3.79 -5.28
C ARG A 29 -0.80 2.65 -5.36
N MET A 30 -2.07 3.02 -5.51
CA MET A 30 -3.16 2.04 -5.69
C MET A 30 -3.50 1.86 -7.17
N LEU A 31 -3.76 0.60 -7.58
CA LEU A 31 -4.10 0.23 -8.97
C LEU A 31 -5.56 -0.30 -9.07
N ASP A 32 -6.22 -0.48 -7.91
CA ASP A 32 -7.58 -1.08 -7.81
C ASP A 32 -8.50 -0.14 -7.01
N ASP A 33 -9.81 -0.43 -6.95
CA ASP A 33 -10.76 0.35 -6.12
C ASP A 33 -10.87 -0.25 -4.71
N TYR A 34 -11.01 0.63 -3.71
CA TYR A 34 -11.11 0.28 -2.29
C TYR A 34 -12.26 1.05 -1.64
N GLU A 35 -12.56 0.68 -0.37
CA GLU A 35 -13.61 1.29 0.47
C GLU A 35 -13.57 2.83 0.44
N GLU A 36 -12.36 3.39 0.59
CA GLU A 36 -12.15 4.86 0.69
C GLU A 36 -10.89 5.29 -0.12
N ILE A 37 -10.25 4.32 -0.78
CA ILE A 37 -9.11 4.55 -1.69
C ILE A 37 -9.55 4.15 -3.10
N SER A 38 -9.05 4.83 -4.13
CA SER A 38 -9.27 4.44 -5.53
C SER A 38 -7.94 4.43 -6.29
N ALA A 39 -7.95 3.78 -7.47
CA ALA A 39 -6.78 3.70 -8.35
C ALA A 39 -6.30 5.11 -8.74
N GLY A 40 -5.10 5.48 -8.28
CA GLY A 40 -4.54 6.82 -8.46
C GLY A 40 -4.05 7.43 -7.16
N ASP A 41 -4.74 7.11 -6.04
CA ASP A 41 -4.34 7.58 -4.68
C ASP A 41 -2.99 6.97 -4.29
N GLU A 42 -2.19 7.75 -3.54
CA GLU A 42 -0.83 7.37 -3.12
C GLU A 42 -0.75 7.37 -1.58
N GLY A 43 0.06 6.45 -1.06
CA GLY A 43 0.24 6.27 0.37
C GLY A 43 1.70 6.32 0.78
N GLU A 44 1.98 5.90 2.02
CA GLU A 44 3.34 5.71 2.51
C GLU A 44 3.38 4.41 3.31
N PHE A 45 4.48 3.67 3.17
CA PHE A 45 4.68 2.40 3.90
C PHE A 45 5.04 2.71 5.37
N ARG A 46 4.19 2.22 6.29
CA ARG A 46 4.28 2.51 7.73
C ARG A 46 4.74 1.25 8.47
N GLN A 47 4.07 0.13 8.17
CA GLN A 47 4.36 -1.20 8.73
C GLN A 47 3.71 -2.26 7.83
N SER A 48 4.14 -3.52 8.00
CA SER A 48 3.72 -4.64 7.16
C SER A 48 3.31 -5.85 8.00
N ASN A 49 2.68 -6.81 7.30
CA ASN A 49 2.48 -8.17 7.77
C ASN A 49 2.79 -9.08 6.57
N ASN A 50 3.76 -9.99 6.72
CA ASN A 50 4.18 -10.88 5.62
C ASN A 50 3.12 -11.98 5.41
N GLY A 51 2.57 -12.48 6.52
CA GLY A 51 1.61 -13.59 6.52
C GLY A 51 0.16 -13.13 6.44
N ILE A 52 -0.07 -11.85 6.77
CA ILE A 52 -1.40 -11.22 6.61
C ILE A 52 -1.29 -10.33 5.37
N PRO A 53 -1.85 -10.78 4.20
CA PRO A 53 -1.65 -10.07 2.91
C PRO A 53 -2.15 -8.59 2.80
N PRO A 54 -3.13 -8.06 3.62
CA PRO A 54 -3.33 -6.61 3.70
C PRO A 54 -2.24 -5.90 4.55
N VAL A 55 -1.40 -5.11 3.87
CA VAL A 55 -0.44 -4.18 4.48
C VAL A 55 -1.13 -2.83 4.81
N GLN A 56 -0.74 -2.23 5.95
CA GLN A 56 -1.28 -0.92 6.36
C GLN A 56 -0.34 0.20 5.84
N VAL A 57 -0.93 1.12 5.06
CA VAL A 57 -0.23 2.25 4.41
C VAL A 57 -1.09 3.50 4.58
N PHE A 58 -0.43 4.64 4.89
CA PHE A 58 -1.12 5.92 5.14
C PHE A 58 -1.41 6.60 3.80
N TRP A 59 -2.67 6.56 3.37
CA TRP A 59 -3.13 7.13 2.09
C TRP A 59 -3.47 8.61 2.28
N GLN A 60 -2.90 9.47 1.42
CA GLN A 60 -3.01 10.93 1.56
C GLN A 60 -4.42 11.47 1.24
N SER A 61 -5.23 10.74 0.43
CA SER A 61 -6.58 11.21 0.04
C SER A 61 -7.60 10.99 1.17
N THR A 62 -7.57 9.80 1.80
CA THR A 62 -8.43 9.49 2.95
C THR A 62 -7.79 9.99 4.26
N GLY A 63 -6.46 10.24 4.21
CA GLY A 63 -5.72 10.83 5.33
C GLY A 63 -5.43 9.88 6.48
N ARG A 64 -5.44 8.56 6.21
CA ARG A 64 -5.29 7.53 7.26
C ARG A 64 -4.70 6.22 6.71
N THR A 65 -4.31 5.34 7.64
CA THR A 65 -3.65 4.07 7.36
C THR A 65 -4.71 3.00 7.10
N TYR A 66 -4.63 2.31 5.96
CA TYR A 66 -5.66 1.35 5.53
C TYR A 66 -5.04 0.05 5.02
N TRP A 67 -5.86 -1.01 5.07
CA TRP A 67 -5.49 -2.38 4.74
C TRP A 67 -5.65 -2.61 3.24
N VAL A 68 -4.52 -2.80 2.52
CA VAL A 68 -4.53 -3.07 1.07
C VAL A 68 -3.62 -4.26 0.76
N HIS A 69 -3.93 -5.00 -0.31
CA HIS A 69 -3.20 -6.23 -0.67
C HIS A 69 -1.87 -5.89 -1.37
N TRP A 70 -0.85 -6.75 -1.13
CA TRP A 70 0.51 -6.59 -1.70
C TRP A 70 0.50 -6.60 -3.24
N HIS A 71 -0.20 -7.61 -3.83
CA HIS A 71 -0.26 -7.78 -5.30
C HIS A 71 -1.05 -6.63 -5.95
N MET A 72 -1.98 -6.08 -5.17
CA MET A 72 -2.84 -4.96 -5.58
C MET A 72 -2.22 -3.61 -5.17
N LEU A 73 -0.96 -3.64 -4.69
CA LEU A 73 -0.21 -2.45 -4.32
C LEU A 73 0.96 -2.28 -5.30
N GLU A 74 0.97 -1.14 -6.00
CA GLU A 74 2.04 -0.73 -6.92
C GLU A 74 2.81 0.40 -6.25
N ILE A 75 4.14 0.41 -6.29
CA ILE A 75 4.93 1.49 -5.64
C ILE A 75 5.65 2.37 -6.67
N LEU A 76 5.30 3.66 -6.67
CA LEU A 76 5.95 4.72 -7.48
C LEU A 76 7.04 5.45 -6.66
N GLY A 77 7.19 5.05 -5.37
CA GLY A 77 8.24 5.57 -4.49
C GLY A 77 9.64 5.36 -5.07
N TYR A 14 3.83 -10.71 -7.98
CA TYR A 14 4.17 -9.28 -7.93
C TYR A 14 4.04 -8.75 -6.48
N GLY A 15 3.06 -9.30 -5.76
CA GLY A 15 2.86 -9.00 -4.34
C GLY A 15 4.01 -9.50 -3.47
N GLU A 16 4.65 -10.60 -3.90
CA GLU A 16 5.86 -11.11 -3.24
C GLU A 16 7.06 -10.19 -3.57
N TYR A 17 7.11 -9.69 -4.81
CA TYR A 17 8.19 -8.79 -5.28
C TYR A 17 8.19 -7.47 -4.48
N VAL A 18 7.00 -6.85 -4.34
CA VAL A 18 6.86 -5.60 -3.56
C VAL A 18 7.23 -5.86 -2.08
N GLN A 19 6.86 -7.05 -1.59
CA GLN A 19 7.18 -7.49 -0.21
C GLN A 19 8.72 -7.44 0.05
N GLN A 20 9.52 -7.65 -1.03
CA GLN A 20 10.99 -7.62 -0.94
C GLN A 20 11.50 -6.16 -0.91
N THR A 21 10.96 -5.34 -1.84
CA THR A 21 11.51 -4.00 -2.17
C THR A 21 10.79 -2.84 -1.42
N LEU A 22 9.84 -3.15 -0.52
CA LEU A 22 9.09 -2.12 0.27
C LEU A 22 9.84 -1.74 1.56
N GLN A 23 10.29 -0.47 1.64
CA GLN A 23 10.87 0.14 2.87
C GLN A 23 9.75 0.85 3.67
N PRO A 24 9.71 0.70 5.04
CA PRO A 24 8.77 1.49 5.89
C PRO A 24 9.12 3.00 5.85
N GLY A 25 8.56 3.70 4.85
CA GLY A 25 8.73 5.15 4.70
C GLY A 25 8.81 5.60 3.24
N MET A 26 8.60 4.65 2.30
CA MET A 26 8.62 4.95 0.85
C MET A 26 7.18 5.19 0.33
N ARG A 27 7.09 5.56 -0.95
CA ARG A 27 5.86 6.03 -1.61
C ARG A 27 5.23 4.89 -2.42
N VAL A 28 3.92 4.65 -2.19
CA VAL A 28 3.16 3.60 -2.89
C VAL A 28 2.04 4.25 -3.75
N ARG A 29 1.39 3.43 -4.57
CA ARG A 29 0.37 3.86 -5.56
C ARG A 29 -0.69 2.76 -5.61
N MET A 30 -1.97 3.11 -5.43
CA MET A 30 -3.08 2.15 -5.53
C MET A 30 -3.41 1.89 -7.01
N LEU A 31 -3.34 0.62 -7.47
CA LEU A 31 -3.70 0.25 -8.86
C LEU A 31 -5.07 -0.48 -8.91
N ASP A 32 -5.83 -0.40 -7.79
CA ASP A 32 -7.19 -0.99 -7.66
C ASP A 32 -8.15 -0.02 -6.95
N ASP A 33 -9.43 -0.41 -6.93
CA ASP A 33 -10.50 0.35 -6.25
C ASP A 33 -10.77 -0.26 -4.85
N TYR A 34 -11.01 0.62 -3.87
CA TYR A 34 -11.22 0.25 -2.45
C TYR A 34 -12.41 0.99 -1.85
N GLU A 35 -12.72 0.60 -0.59
CA GLU A 35 -13.76 1.21 0.27
C GLU A 35 -13.68 2.76 0.27
N GLU A 36 -12.45 3.27 0.40
CA GLU A 36 -12.16 4.70 0.59
C GLU A 36 -10.91 5.17 -0.19
N ILE A 37 -10.24 4.22 -0.88
CA ILE A 37 -9.08 4.50 -1.76
C ILE A 37 -9.48 4.14 -3.21
N SER A 38 -8.94 4.86 -4.20
CA SER A 38 -9.18 4.56 -5.63
C SER A 38 -7.84 4.43 -6.37
N ALA A 39 -7.86 3.79 -7.56
CA ALA A 39 -6.67 3.71 -8.41
C ALA A 39 -6.32 5.13 -8.90
N GLY A 40 -5.16 5.65 -8.45
CA GLY A 40 -4.76 7.03 -8.71
C GLY A 40 -4.11 7.64 -7.48
N ASP A 41 -4.85 7.72 -6.36
CA ASP A 41 -4.34 8.34 -5.12
C ASP A 41 -3.38 7.41 -4.39
N GLU A 42 -2.41 8.01 -3.70
CA GLU A 42 -1.18 7.34 -3.27
C GLU A 42 -0.95 7.48 -1.76
N GLY A 43 -0.09 6.60 -1.24
CA GLY A 43 0.16 6.47 0.18
C GLY A 43 1.63 6.37 0.52
N GLU A 44 1.93 6.08 1.79
CA GLU A 44 3.29 5.86 2.29
C GLU A 44 3.28 4.60 3.15
N PHE A 45 4.29 3.74 2.96
CA PHE A 45 4.44 2.49 3.71
C PHE A 45 4.89 2.80 5.14
N ARG A 46 4.09 2.37 6.13
CA ARG A 46 4.36 2.71 7.56
C ARG A 46 4.87 1.47 8.29
N GLN A 47 4.18 0.34 8.07
CA GLN A 47 4.50 -0.95 8.70
C GLN A 47 4.03 -2.11 7.80
N SER A 48 4.63 -3.29 8.03
CA SER A 48 4.37 -4.49 7.23
C SER A 48 3.80 -5.62 8.09
N ASN A 49 3.41 -6.71 7.42
CA ASN A 49 2.82 -7.90 8.04
C ASN A 49 3.60 -9.15 7.62
N ASN A 50 3.84 -10.06 8.58
CA ASN A 50 4.63 -11.30 8.38
C ASN A 50 4.01 -12.23 7.31
N GLY A 51 2.67 -12.32 7.33
CA GLY A 51 1.92 -13.16 6.38
C GLY A 51 0.45 -12.79 6.30
N ILE A 52 0.13 -11.52 6.60
CA ILE A 52 -1.25 -10.98 6.51
C ILE A 52 -1.35 -10.17 5.21
N PRO A 53 -2.08 -10.67 4.17
CA PRO A 53 -2.16 -10.00 2.85
C PRO A 53 -2.65 -8.49 2.86
N PRO A 54 -3.66 -8.05 3.69
CA PRO A 54 -3.96 -6.61 3.84
C PRO A 54 -2.92 -5.88 4.73
N VAL A 55 -1.93 -5.23 4.07
CA VAL A 55 -0.88 -4.42 4.74
C VAL A 55 -1.32 -2.94 4.88
N GLN A 56 -0.77 -2.24 5.91
CA GLN A 56 -1.20 -0.89 6.28
C GLN A 56 -0.27 0.19 5.65
N VAL A 57 -0.91 1.18 5.01
CA VAL A 57 -0.27 2.35 4.36
C VAL A 57 -1.11 3.60 4.64
N PHE A 58 -0.44 4.73 4.86
CA PHE A 58 -1.08 6.03 5.13
C PHE A 58 -1.50 6.67 3.80
N TRP A 59 -2.81 6.67 3.55
CA TRP A 59 -3.41 7.19 2.30
C TRP A 59 -3.76 8.66 2.44
N GLN A 60 -3.40 9.44 1.41
CA GLN A 60 -3.73 10.87 1.33
C GLN A 60 -5.26 11.11 1.34
N SER A 61 -6.01 10.18 0.73
CA SER A 61 -7.47 10.30 0.53
C SER A 61 -8.25 10.24 1.85
N THR A 62 -7.88 9.29 2.72
CA THR A 62 -8.60 9.03 3.99
C THR A 62 -7.80 9.57 5.20
N GLY A 63 -6.55 9.99 4.97
CA GLY A 63 -5.70 10.62 6.00
C GLY A 63 -5.28 9.68 7.14
N ARG A 64 -5.32 8.35 6.88
CA ARG A 64 -5.01 7.32 7.89
C ARG A 64 -4.45 6.05 7.22
N THR A 65 -4.05 5.05 8.04
CA THR A 65 -3.59 3.73 7.56
C THR A 65 -4.79 2.81 7.33
N TYR A 66 -4.85 2.20 6.13
CA TYR A 66 -5.94 1.28 5.77
C TYR A 66 -5.35 -0.03 5.22
N TRP A 67 -6.18 -1.08 5.27
CA TRP A 67 -5.83 -2.44 4.87
C TRP A 67 -5.95 -2.62 3.35
N VAL A 68 -4.79 -2.66 2.66
CA VAL A 68 -4.74 -2.92 1.20
C VAL A 68 -3.79 -4.09 0.89
N HIS A 69 -4.00 -4.74 -0.27
CA HIS A 69 -3.25 -5.94 -0.65
C HIS A 69 -1.89 -5.57 -1.31
N TRP A 70 -0.87 -6.43 -1.10
CA TRP A 70 0.51 -6.22 -1.61
C TRP A 70 0.52 -6.12 -3.15
N HIS A 71 -0.16 -7.07 -3.81
CA HIS A 71 -0.23 -7.17 -5.29
C HIS A 71 -0.97 -5.96 -5.90
N MET A 72 -1.85 -5.37 -5.10
CA MET A 72 -2.80 -4.33 -5.53
C MET A 72 -2.24 -2.92 -5.26
N LEU A 73 -1.05 -2.84 -4.64
CA LEU A 73 -0.27 -1.59 -4.55
C LEU A 73 0.99 -1.71 -5.44
N GLU A 74 1.53 -0.56 -5.83
CA GLU A 74 2.74 -0.42 -6.64
C GLU A 74 3.58 0.70 -6.07
N ILE A 75 4.89 0.53 -5.97
CA ILE A 75 5.77 1.65 -5.65
C ILE A 75 6.13 2.39 -6.95
N LEU A 76 5.62 3.63 -7.05
CA LEU A 76 5.79 4.50 -8.22
C LEU A 76 6.53 5.79 -7.80
N GLY A 77 6.99 5.82 -6.53
CA GLY A 77 7.71 6.97 -5.98
C GLY A 77 9.03 6.57 -5.29
N TYR A 14 3.47 -10.07 -8.49
CA TYR A 14 3.82 -8.65 -8.29
C TYR A 14 3.79 -8.32 -6.78
N GLY A 15 2.84 -8.98 -6.09
CA GLY A 15 2.71 -8.88 -4.64
C GLY A 15 3.91 -9.45 -3.89
N GLU A 16 4.60 -10.41 -4.54
CA GLU A 16 5.80 -11.03 -3.96
C GLU A 16 6.96 -10.04 -3.97
N TYR A 17 7.15 -9.37 -5.14
CA TYR A 17 8.22 -8.37 -5.34
C TYR A 17 8.09 -7.22 -4.34
N VAL A 18 6.86 -6.66 -4.24
CA VAL A 18 6.59 -5.49 -3.39
C VAL A 18 6.72 -5.85 -1.90
N GLN A 19 6.32 -7.08 -1.54
CA GLN A 19 6.42 -7.61 -0.15
C GLN A 19 7.88 -7.52 0.36
N GLN A 20 8.84 -7.71 -0.53
CA GLN A 20 10.27 -7.74 -0.18
C GLN A 20 10.85 -6.30 -0.15
N THR A 21 10.59 -5.53 -1.22
CA THR A 21 11.26 -4.24 -1.47
C THR A 21 10.58 -3.03 -0.75
N LEU A 22 9.38 -3.22 -0.17
CA LEU A 22 8.67 -2.14 0.56
C LEU A 22 9.45 -1.75 1.84
N GLN A 23 10.10 -0.57 1.80
CA GLN A 23 10.92 -0.04 2.93
C GLN A 23 10.07 0.90 3.82
N PRO A 24 10.10 0.75 5.20
CA PRO A 24 9.35 1.64 6.14
C PRO A 24 9.70 3.14 6.00
N GLY A 25 9.03 3.81 5.05
CA GLY A 25 9.16 5.25 4.83
C GLY A 25 9.15 5.63 3.36
N MET A 26 8.93 4.65 2.46
CA MET A 26 8.90 4.89 0.99
C MET A 26 7.47 5.17 0.53
N ARG A 27 7.38 5.67 -0.71
CA ARG A 27 6.13 6.13 -1.33
C ARG A 27 5.46 4.96 -2.03
N VAL A 28 4.15 4.83 -1.83
CA VAL A 28 3.31 3.84 -2.51
C VAL A 28 2.27 4.56 -3.37
N ARG A 29 1.55 3.79 -4.17
CA ARG A 29 0.53 4.27 -5.09
C ARG A 29 -0.51 3.13 -5.25
N MET A 30 -1.80 3.49 -5.29
CA MET A 30 -2.91 2.52 -5.34
C MET A 30 -3.18 2.07 -6.78
N LEU A 31 -3.23 0.75 -6.98
CA LEU A 31 -3.34 0.12 -8.30
C LEU A 31 -4.76 -0.46 -8.53
N ASP A 32 -5.62 -0.42 -7.48
CA ASP A 32 -6.98 -1.02 -7.50
C ASP A 32 -8.02 -0.09 -6.83
N ASP A 33 -9.31 -0.32 -7.14
CA ASP A 33 -10.41 0.45 -6.54
C ASP A 33 -10.75 -0.14 -5.15
N TYR A 34 -10.77 0.73 -4.13
CA TYR A 34 -10.97 0.34 -2.72
C TYR A 34 -12.18 1.04 -2.10
N GLU A 35 -12.52 0.59 -0.88
CA GLU A 35 -13.65 1.09 -0.06
C GLU A 35 -13.65 2.63 0.05
N GLU A 36 -12.45 3.18 0.31
CA GLU A 36 -12.25 4.61 0.65
C GLU A 36 -11.12 5.24 -0.17
N ILE A 37 -10.42 4.40 -0.97
CA ILE A 37 -9.29 4.81 -1.81
C ILE A 37 -9.66 4.52 -3.27
N SER A 38 -9.28 5.41 -4.20
CA SER A 38 -9.44 5.17 -5.64
C SER A 38 -8.08 4.76 -6.23
N ALA A 39 -8.11 3.99 -7.34
CA ALA A 39 -6.89 3.61 -8.07
C ALA A 39 -6.23 4.88 -8.65
N GLY A 40 -5.03 5.19 -8.15
CA GLY A 40 -4.30 6.41 -8.53
C GLY A 40 -3.74 7.13 -7.30
N ASP A 41 -4.52 7.09 -6.19
CA ASP A 41 -4.15 7.78 -4.93
C ASP A 41 -2.86 7.22 -4.33
N GLU A 42 -2.05 8.12 -3.78
CA GLU A 42 -0.72 7.78 -3.23
C GLU A 42 -0.75 7.70 -1.70
N GLY A 43 0.27 7.03 -1.14
CA GLY A 43 0.39 6.81 0.29
C GLY A 43 1.84 6.64 0.70
N GLU A 44 2.07 6.22 1.95
CA GLU A 44 3.41 5.87 2.46
C GLU A 44 3.32 4.57 3.24
N PHE A 45 4.30 3.70 3.03
CA PHE A 45 4.47 2.46 3.79
C PHE A 45 5.24 2.76 5.07
N ARG A 46 4.64 2.50 6.23
CA ARG A 46 5.35 2.61 7.54
C ARG A 46 5.44 1.23 8.24
N GLN A 47 4.32 0.47 8.27
CA GLN A 47 4.25 -0.84 8.96
C GLN A 47 3.72 -1.91 7.99
N SER A 48 3.91 -3.19 8.35
CA SER A 48 3.71 -4.34 7.45
C SER A 48 3.27 -5.60 8.21
N ASN A 49 2.83 -6.59 7.41
CA ASN A 49 2.67 -7.98 7.84
C ASN A 49 3.23 -8.85 6.69
N ASN A 50 4.27 -9.65 6.98
CA ASN A 50 4.98 -10.46 5.95
C ASN A 50 4.36 -11.86 5.81
N GLY A 51 3.35 -12.15 6.67
CA GLY A 51 2.59 -13.39 6.62
C GLY A 51 1.11 -13.14 6.34
N ILE A 52 0.63 -11.93 6.70
CA ILE A 52 -0.79 -11.53 6.52
C ILE A 52 -0.84 -10.56 5.30
N PRO A 53 -1.58 -10.89 4.20
CA PRO A 53 -1.56 -10.08 2.95
C PRO A 53 -2.06 -8.59 3.03
N PRO A 54 -3.00 -8.15 3.94
CA PRO A 54 -3.29 -6.70 4.11
C PRO A 54 -2.15 -5.96 4.85
N VAL A 55 -1.39 -5.16 4.08
CA VAL A 55 -0.43 -4.20 4.64
C VAL A 55 -1.15 -2.88 4.94
N GLN A 56 -0.70 -2.20 6.00
CA GLN A 56 -1.22 -0.90 6.39
C GLN A 56 -0.36 0.19 5.71
N VAL A 57 -1.02 1.12 5.01
CA VAL A 57 -0.38 2.26 4.32
C VAL A 57 -1.21 3.51 4.57
N PHE A 58 -0.54 4.63 4.87
CA PHE A 58 -1.20 5.91 5.15
C PHE A 58 -1.56 6.60 3.84
N TRP A 59 -2.86 6.64 3.53
CA TRP A 59 -3.40 7.21 2.29
C TRP A 59 -3.78 8.68 2.50
N GLN A 60 -3.31 9.52 1.57
CA GLN A 60 -3.72 10.95 1.50
C GLN A 60 -5.23 11.07 1.21
N SER A 61 -5.78 10.04 0.52
CA SER A 61 -7.15 10.03 0.01
C SER A 61 -8.19 10.03 1.14
N THR A 62 -7.96 9.16 2.13
CA THR A 62 -8.86 8.96 3.29
C THR A 62 -8.28 9.65 4.54
N GLY A 63 -6.99 10.02 4.47
CA GLY A 63 -6.30 10.72 5.55
C GLY A 63 -5.86 9.80 6.68
N ARG A 64 -5.88 8.48 6.44
CA ARG A 64 -5.60 7.47 7.47
C ARG A 64 -4.98 6.21 6.84
N THR A 65 -4.53 5.31 7.72
CA THR A 65 -3.87 4.06 7.38
C THR A 65 -4.93 2.96 7.15
N TYR A 66 -4.91 2.33 5.96
CA TYR A 66 -5.92 1.31 5.62
C TYR A 66 -5.24 0.02 5.14
N TRP A 67 -5.96 -1.09 5.32
CA TRP A 67 -5.52 -2.45 4.98
C TRP A 67 -5.71 -2.70 3.48
N VAL A 68 -4.59 -2.81 2.72
CA VAL A 68 -4.62 -3.07 1.27
C VAL A 68 -3.74 -4.29 0.93
N HIS A 69 -4.00 -4.90 -0.22
CA HIS A 69 -3.35 -6.15 -0.64
C HIS A 69 -2.01 -5.85 -1.35
N TRP A 70 -1.01 -6.75 -1.19
CA TRP A 70 0.33 -6.59 -1.79
C TRP A 70 0.27 -6.53 -3.34
N HIS A 71 -0.46 -7.50 -3.93
CA HIS A 71 -0.59 -7.63 -5.40
C HIS A 71 -1.43 -6.48 -6.02
N MET A 72 -2.08 -5.70 -5.15
CA MET A 72 -2.96 -4.57 -5.54
C MET A 72 -2.35 -3.23 -5.06
N LEU A 73 -1.09 -3.28 -4.59
CA LEU A 73 -0.31 -2.12 -4.17
C LEU A 73 0.88 -1.94 -5.14
N GLU A 74 0.96 -0.78 -5.79
CA GLU A 74 2.04 -0.42 -6.73
C GLU A 74 2.96 0.63 -6.10
N ILE A 75 4.27 0.43 -6.17
CA ILE A 75 5.24 1.47 -5.74
C ILE A 75 6.03 2.00 -6.94
N LEU A 76 6.17 3.33 -6.99
CA LEU A 76 7.09 4.03 -7.91
C LEU A 76 8.40 4.39 -7.16
N GLY A 77 8.52 3.88 -5.91
CA GLY A 77 9.68 4.10 -5.03
C GLY A 77 11.02 3.86 -5.71
N TYR A 14 4.26 -10.34 -8.71
CA TYR A 14 4.39 -8.92 -8.35
C TYR A 14 4.12 -8.65 -6.86
N GLY A 15 3.17 -9.40 -6.26
CA GLY A 15 2.77 -9.21 -4.86
C GLY A 15 3.86 -9.63 -3.89
N GLU A 16 4.55 -10.70 -4.25
CA GLU A 16 5.69 -11.23 -3.49
C GLU A 16 6.88 -10.28 -3.62
N TYR A 17 7.10 -9.79 -4.86
CA TYR A 17 8.21 -8.88 -5.20
C TYR A 17 8.14 -7.57 -4.38
N VAL A 18 6.94 -6.94 -4.36
CA VAL A 18 6.74 -5.67 -3.65
C VAL A 18 6.94 -5.84 -2.14
N GLN A 19 6.48 -7.00 -1.61
CA GLN A 19 6.64 -7.35 -0.18
C GLN A 19 8.13 -7.32 0.24
N GLN A 20 9.01 -7.67 -0.71
CA GLN A 20 10.47 -7.68 -0.50
C GLN A 20 11.03 -6.25 -0.55
N THR A 21 10.69 -5.51 -1.63
CA THR A 21 11.29 -4.19 -1.94
C THR A 21 10.53 -3.02 -1.26
N LEU A 22 9.53 -3.33 -0.41
CA LEU A 22 8.78 -2.30 0.34
C LEU A 22 9.67 -1.71 1.46
N GLN A 23 10.08 -0.44 1.26
CA GLN A 23 10.98 0.27 2.19
C GLN A 23 10.16 0.96 3.30
N PRO A 24 10.56 0.81 4.61
CA PRO A 24 9.98 1.57 5.73
C PRO A 24 10.03 3.10 5.51
N GLY A 25 8.97 3.63 4.86
CA GLY A 25 8.74 5.07 4.75
C GLY A 25 8.85 5.56 3.32
N MET A 26 8.65 4.63 2.35
CA MET A 26 8.68 4.98 0.92
C MET A 26 7.28 5.38 0.44
N ARG A 27 7.24 5.93 -0.77
CA ARG A 27 6.04 6.46 -1.41
C ARG A 27 5.33 5.33 -2.15
N VAL A 28 4.00 5.42 -2.19
CA VAL A 28 3.11 4.37 -2.69
C VAL A 28 2.10 4.99 -3.69
N ARG A 29 1.44 4.13 -4.48
CA ARG A 29 0.33 4.49 -5.39
C ARG A 29 -0.70 3.33 -5.37
N MET A 30 -1.99 3.65 -5.49
CA MET A 30 -3.08 2.66 -5.37
C MET A 30 -3.31 1.98 -6.73
N LEU A 31 -3.00 0.68 -6.82
CA LEU A 31 -3.03 -0.09 -8.07
C LEU A 31 -4.44 -0.67 -8.34
N ASP A 32 -5.28 -0.77 -7.30
CA ASP A 32 -6.65 -1.33 -7.41
C ASP A 32 -7.64 -0.47 -6.61
N ASP A 33 -8.92 -0.51 -7.02
CA ASP A 33 -9.97 0.33 -6.40
C ASP A 33 -10.39 -0.27 -5.04
N TYR A 34 -10.60 0.62 -4.06
CA TYR A 34 -10.86 0.25 -2.65
C TYR A 34 -12.08 0.99 -2.11
N GLU A 35 -12.48 0.58 -0.89
CA GLU A 35 -13.65 1.11 -0.16
C GLU A 35 -13.67 2.66 -0.13
N GLU A 36 -12.60 3.23 0.43
CA GLU A 36 -12.45 4.68 0.65
C GLU A 36 -11.24 5.24 -0.14
N ILE A 37 -10.52 4.37 -0.86
CA ILE A 37 -9.39 4.77 -1.72
C ILE A 37 -9.72 4.40 -3.17
N SER A 38 -9.38 5.26 -4.13
CA SER A 38 -9.57 4.98 -5.57
C SER A 38 -8.21 4.65 -6.20
N ALA A 39 -8.22 3.85 -7.28
CA ALA A 39 -7.00 3.51 -8.02
C ALA A 39 -6.41 4.80 -8.64
N GLY A 40 -5.22 5.19 -8.16
CA GLY A 40 -4.59 6.47 -8.55
C GLY A 40 -4.02 7.23 -7.34
N ASP A 41 -4.72 7.14 -6.18
CA ASP A 41 -4.30 7.83 -4.92
C ASP A 41 -2.92 7.34 -4.44
N GLU A 42 -2.16 8.24 -3.80
CA GLU A 42 -0.81 7.95 -3.32
C GLU A 42 -0.80 7.70 -1.81
N GLY A 43 0.21 6.96 -1.36
CA GLY A 43 0.34 6.54 0.03
C GLY A 43 1.77 6.60 0.51
N GLU A 44 2.01 6.16 1.74
CA GLU A 44 3.36 5.91 2.27
C GLU A 44 3.33 4.62 3.08
N PHE A 45 4.38 3.79 2.94
CA PHE A 45 4.53 2.55 3.73
C PHE A 45 4.86 2.90 5.18
N ARG A 46 4.02 2.44 6.11
CA ARG A 46 4.16 2.75 7.54
C ARG A 46 4.62 1.49 8.30
N GLN A 47 3.93 0.38 8.01
CA GLN A 47 4.21 -0.95 8.60
C GLN A 47 3.44 -2.03 7.82
N SER A 48 3.96 -3.26 7.87
CA SER A 48 3.35 -4.44 7.24
C SER A 48 3.09 -5.52 8.29
N ASN A 49 2.53 -6.64 7.83
CA ASN A 49 2.35 -7.84 8.64
C ASN A 49 3.34 -8.91 8.15
N ASN A 50 3.92 -9.65 9.12
CA ASN A 50 5.08 -10.56 8.94
C ASN A 50 4.95 -11.60 7.78
N GLY A 51 3.72 -11.91 7.38
CA GLY A 51 3.47 -12.80 6.24
C GLY A 51 1.99 -12.86 5.91
N ILE A 52 1.30 -11.73 6.17
CA ILE A 52 -0.17 -11.61 5.96
C ILE A 52 -0.39 -10.53 4.88
N PRO A 53 -1.22 -10.81 3.81
CA PRO A 53 -1.40 -9.88 2.68
C PRO A 53 -1.88 -8.40 3.00
N PRO A 54 -2.85 -8.11 3.95
CA PRO A 54 -3.26 -6.72 4.25
C PRO A 54 -2.14 -5.91 4.97
N VAL A 55 -1.44 -5.06 4.18
CA VAL A 55 -0.48 -4.07 4.70
C VAL A 55 -1.17 -2.70 4.90
N GLN A 56 -0.82 -2.02 6.00
CA GLN A 56 -1.37 -0.71 6.34
C GLN A 56 -0.44 0.41 5.80
N VAL A 57 -1.03 1.28 4.97
CA VAL A 57 -0.34 2.42 4.29
C VAL A 57 -1.19 3.67 4.47
N PHE A 58 -0.51 4.81 4.70
CA PHE A 58 -1.17 6.11 4.95
C PHE A 58 -1.60 6.68 3.60
N TRP A 59 -2.91 6.68 3.35
CA TRP A 59 -3.51 7.25 2.14
C TRP A 59 -3.90 8.70 2.38
N GLN A 60 -3.51 9.57 1.44
CA GLN A 60 -3.85 11.00 1.43
C GLN A 60 -5.37 11.23 1.40
N SER A 61 -6.08 10.29 0.75
CA SER A 61 -7.52 10.42 0.46
C SER A 61 -8.37 10.36 1.75
N THR A 62 -8.05 9.38 2.62
CA THR A 62 -8.79 9.13 3.87
C THR A 62 -8.07 9.80 5.07
N GLY A 63 -6.77 10.08 4.90
CA GLY A 63 -5.96 10.72 5.94
C GLY A 63 -5.47 9.76 7.02
N ARG A 64 -5.48 8.45 6.74
CA ARG A 64 -5.11 7.40 7.71
C ARG A 64 -4.55 6.16 6.99
N THR A 65 -4.23 5.12 7.78
CA THR A 65 -3.82 3.80 7.26
C THR A 65 -5.03 2.92 6.94
N TYR A 66 -4.92 2.12 5.87
CA TYR A 66 -5.96 1.15 5.47
C TYR A 66 -5.31 -0.16 4.99
N TRP A 67 -6.08 -1.26 5.11
CA TRP A 67 -5.64 -2.63 4.79
C TRP A 67 -5.73 -2.87 3.28
N VAL A 68 -4.58 -3.01 2.60
CA VAL A 68 -4.52 -3.26 1.15
C VAL A 68 -3.68 -4.52 0.84
N HIS A 69 -3.88 -5.08 -0.35
CA HIS A 69 -3.22 -6.33 -0.81
C HIS A 69 -1.91 -5.98 -1.54
N TRP A 70 -0.89 -6.84 -1.43
CA TRP A 70 0.45 -6.59 -2.02
C TRP A 70 0.41 -6.53 -3.56
N HIS A 71 -0.30 -7.50 -4.19
CA HIS A 71 -0.42 -7.56 -5.68
C HIS A 71 -1.32 -6.43 -6.23
N MET A 72 -2.10 -5.83 -5.33
CA MET A 72 -2.98 -4.68 -5.63
C MET A 72 -2.36 -3.38 -5.08
N LEU A 73 -1.07 -3.45 -4.73
CA LEU A 73 -0.29 -2.30 -4.21
C LEU A 73 0.88 -2.05 -5.17
N GLU A 74 0.94 -0.84 -5.73
CA GLU A 74 2.05 -0.41 -6.59
C GLU A 74 2.83 0.69 -5.88
N ILE A 75 4.11 0.48 -5.61
CA ILE A 75 4.96 1.53 -5.03
C ILE A 75 5.55 2.42 -6.13
N LEU A 76 5.18 3.70 -6.08
CA LEU A 76 5.73 4.74 -6.99
C LEU A 76 6.90 5.47 -6.26
N GLY A 77 7.39 4.86 -5.16
CA GLY A 77 8.62 5.28 -4.48
C GLY A 77 9.85 5.26 -5.39
N TYR A 14 3.57 -10.85 -7.95
CA TYR A 14 3.69 -9.39 -7.73
C TYR A 14 3.58 -9.03 -6.23
N GLY A 15 2.67 -9.72 -5.55
CA GLY A 15 2.45 -9.50 -4.12
C GLY A 15 3.63 -9.92 -3.28
N GLU A 16 4.29 -11.01 -3.69
CA GLU A 16 5.56 -11.45 -3.10
C GLU A 16 6.64 -10.38 -3.32
N TYR A 17 6.71 -9.91 -4.59
CA TYR A 17 7.76 -8.99 -5.07
C TYR A 17 7.79 -7.70 -4.26
N VAL A 18 6.63 -7.05 -4.13
CA VAL A 18 6.49 -5.78 -3.39
C VAL A 18 6.74 -6.01 -1.88
N GLN A 19 6.26 -7.16 -1.34
CA GLN A 19 6.46 -7.54 0.08
C GLN A 19 7.98 -7.58 0.41
N GLN A 20 8.80 -7.98 -0.58
CA GLN A 20 10.26 -8.08 -0.42
C GLN A 20 10.92 -6.69 -0.53
N THR A 21 10.59 -5.94 -1.60
CA THR A 21 11.30 -4.69 -1.97
C THR A 21 10.67 -3.42 -1.31
N LEU A 22 9.64 -3.60 -0.45
CA LEU A 22 9.02 -2.46 0.28
C LEU A 22 9.99 -1.92 1.36
N GLN A 23 10.26 -0.62 1.29
CA GLN A 23 11.11 0.09 2.26
C GLN A 23 10.24 0.65 3.39
N PRO A 24 10.71 0.58 4.69
CA PRO A 24 10.02 1.24 5.83
C PRO A 24 9.99 2.78 5.70
N GLY A 25 8.97 3.30 4.96
CA GLY A 25 8.71 4.74 4.90
C GLY A 25 8.90 5.30 3.50
N MET A 26 8.61 4.45 2.48
CA MET A 26 8.69 4.85 1.06
C MET A 26 7.28 5.16 0.54
N ARG A 27 7.24 5.64 -0.69
CA ARG A 27 6.02 6.11 -1.35
C ARG A 27 5.37 4.95 -2.09
N VAL A 28 4.06 4.76 -1.88
CA VAL A 28 3.26 3.73 -2.54
C VAL A 28 2.18 4.39 -3.42
N ARG A 29 1.49 3.55 -4.19
CA ARG A 29 0.54 3.95 -5.23
C ARG A 29 -0.59 2.91 -5.22
N MET A 30 -1.84 3.37 -5.33
CA MET A 30 -3.02 2.50 -5.34
C MET A 30 -3.23 1.95 -6.76
N LEU A 31 -3.02 0.62 -6.91
CA LEU A 31 -3.14 -0.05 -8.21
C LEU A 31 -4.62 -0.35 -8.55
N ASP A 32 -5.40 -0.72 -7.52
CA ASP A 32 -6.81 -1.14 -7.69
C ASP A 32 -7.74 -0.33 -6.76
N ASP A 33 -9.01 -0.19 -7.15
CA ASP A 33 -10.00 0.66 -6.45
C ASP A 33 -10.42 0.00 -5.12
N TYR A 34 -10.15 0.71 -4.02
CA TYR A 34 -10.47 0.27 -2.65
C TYR A 34 -11.73 0.99 -2.12
N GLU A 35 -12.15 0.53 -0.92
CA GLU A 35 -13.37 0.96 -0.20
C GLU A 35 -13.52 2.50 -0.18
N GLU A 36 -12.45 3.18 0.25
CA GLU A 36 -12.39 4.64 0.40
C GLU A 36 -11.21 5.23 -0.38
N ILE A 37 -10.30 4.37 -0.87
CA ILE A 37 -9.12 4.79 -1.66
C ILE A 37 -9.42 4.49 -3.14
N SER A 38 -9.19 5.45 -4.03
CA SER A 38 -9.36 5.26 -5.48
C SER A 38 -8.03 4.85 -6.13
N ALA A 39 -8.11 4.03 -7.20
CA ALA A 39 -6.94 3.67 -8.02
C ALA A 39 -6.36 4.94 -8.66
N GLY A 40 -5.12 5.29 -8.28
CA GLY A 40 -4.49 6.56 -8.67
C GLY A 40 -4.08 7.42 -7.47
N ASP A 41 -4.66 7.13 -6.29
CA ASP A 41 -4.28 7.77 -5.01
C ASP A 41 -2.95 7.17 -4.53
N GLU A 42 -2.21 7.92 -3.71
CA GLU A 42 -0.88 7.49 -3.22
C GLU A 42 -0.81 7.57 -1.69
N GLY A 43 0.08 6.73 -1.15
CA GLY A 43 0.27 6.58 0.28
C GLY A 43 1.74 6.51 0.65
N GLU A 44 2.01 6.15 1.92
CA GLU A 44 3.37 5.88 2.39
C GLU A 44 3.35 4.63 3.27
N PHE A 45 4.43 3.83 3.20
CA PHE A 45 4.59 2.63 4.03
C PHE A 45 4.82 3.04 5.48
N ARG A 46 3.95 2.57 6.40
CA ARG A 46 4.04 2.90 7.83
C ARG A 46 4.50 1.67 8.62
N GLN A 47 3.90 0.52 8.27
CA GLN A 47 4.20 -0.81 8.83
C GLN A 47 3.46 -1.87 7.99
N SER A 48 3.73 -3.15 8.25
CA SER A 48 3.15 -4.25 7.44
C SER A 48 3.12 -5.56 8.21
N ASN A 49 2.60 -6.59 7.52
CA ASN A 49 2.61 -7.98 7.97
C ASN A 49 3.23 -8.83 6.84
N ASN A 50 4.27 -9.61 7.17
CA ASN A 50 5.01 -10.43 6.19
C ASN A 50 4.17 -11.64 5.74
N GLY A 51 3.55 -12.30 6.73
CA GLY A 51 2.72 -13.49 6.50
C GLY A 51 1.27 -13.15 6.19
N ILE A 52 0.79 -12.01 6.69
CA ILE A 52 -0.62 -11.59 6.53
C ILE A 52 -0.69 -10.54 5.39
N PRO A 53 -1.43 -10.81 4.26
CA PRO A 53 -1.40 -9.95 3.06
C PRO A 53 -1.85 -8.44 3.19
N PRO A 54 -2.80 -8.02 4.09
CA PRO A 54 -3.09 -6.58 4.28
C PRO A 54 -1.93 -5.80 4.98
N VAL A 55 -1.27 -4.94 4.20
CA VAL A 55 -0.32 -3.91 4.70
C VAL A 55 -1.08 -2.61 5.00
N GLN A 56 -0.72 -1.95 6.11
CA GLN A 56 -1.30 -0.66 6.49
C GLN A 56 -0.41 0.47 5.91
N VAL A 57 -1.02 1.35 5.09
CA VAL A 57 -0.34 2.47 4.41
C VAL A 57 -1.20 3.72 4.52
N PHE A 58 -0.57 4.86 4.82
CA PHE A 58 -1.28 6.14 5.04
C PHE A 58 -1.58 6.79 3.70
N TRP A 59 -2.87 6.75 3.30
CA TRP A 59 -3.36 7.29 2.03
C TRP A 59 -3.80 8.75 2.21
N GLN A 60 -3.32 9.62 1.31
CA GLN A 60 -3.51 11.09 1.41
C GLN A 60 -4.99 11.51 1.18
N SER A 61 -5.70 10.84 0.23
CA SER A 61 -7.07 11.24 -0.18
C SER A 61 -8.09 10.97 0.95
N THR A 62 -7.98 9.79 1.59
CA THR A 62 -8.85 9.41 2.71
C THR A 62 -8.28 9.94 4.06
N GLY A 63 -6.98 10.32 4.05
CA GLY A 63 -6.34 10.99 5.19
C GLY A 63 -5.95 10.07 6.33
N ARG A 64 -5.86 8.75 6.06
CA ARG A 64 -5.65 7.73 7.11
C ARG A 64 -4.96 6.49 6.56
N THR A 65 -4.49 5.66 7.51
CA THR A 65 -3.80 4.40 7.23
C THR A 65 -4.85 3.30 7.03
N TYR A 66 -4.72 2.52 5.93
CA TYR A 66 -5.73 1.51 5.57
C TYR A 66 -5.05 0.20 5.12
N TRP A 67 -5.75 -0.90 5.38
CA TRP A 67 -5.32 -2.26 5.03
C TRP A 67 -5.55 -2.50 3.52
N VAL A 68 -4.46 -2.67 2.75
CA VAL A 68 -4.52 -3.00 1.31
C VAL A 68 -3.68 -4.25 1.03
N HIS A 69 -4.02 -4.96 -0.06
CA HIS A 69 -3.37 -6.22 -0.44
C HIS A 69 -2.11 -5.90 -1.27
N TRP A 70 -1.06 -6.74 -1.12
CA TRP A 70 0.26 -6.51 -1.76
C TRP A 70 0.17 -6.54 -3.30
N HIS A 71 -0.61 -7.51 -3.82
CA HIS A 71 -0.80 -7.71 -5.27
C HIS A 71 -1.61 -6.55 -5.93
N MET A 72 -2.27 -5.71 -5.09
CA MET A 72 -2.97 -4.49 -5.55
C MET A 72 -2.27 -3.22 -5.01
N LEU A 73 -1.01 -3.37 -4.55
CA LEU A 73 -0.20 -2.25 -4.08
C LEU A 73 1.00 -2.06 -5.02
N GLU A 74 1.12 -0.86 -5.59
CA GLU A 74 2.22 -0.45 -6.47
C GLU A 74 3.14 0.49 -5.67
N ILE A 75 4.45 0.46 -5.94
CA ILE A 75 5.41 1.42 -5.35
C ILE A 75 5.96 2.35 -6.44
N LEU A 76 5.65 3.64 -6.31
CA LEU A 76 6.09 4.69 -7.22
C LEU A 76 6.53 5.90 -6.39
N GLY A 77 7.85 6.06 -6.24
CA GLY A 77 8.41 7.15 -5.42
C GLY A 77 9.89 6.97 -5.14
N TYR A 14 4.12 -10.23 -8.32
CA TYR A 14 4.37 -8.79 -8.09
C TYR A 14 4.11 -8.42 -6.62
N GLY A 15 3.20 -9.15 -5.96
CA GLY A 15 2.87 -8.91 -4.56
C GLY A 15 3.98 -9.31 -3.61
N GLU A 16 4.63 -10.41 -3.93
CA GLU A 16 5.81 -10.87 -3.18
C GLU A 16 7.00 -9.95 -3.49
N TYR A 17 7.09 -9.51 -4.76
CA TYR A 17 8.14 -8.58 -5.22
C TYR A 17 8.13 -7.27 -4.42
N VAL A 18 6.93 -6.64 -4.27
CA VAL A 18 6.80 -5.38 -3.53
C VAL A 18 7.19 -5.58 -2.06
N GLN A 19 6.80 -6.75 -1.48
CA GLN A 19 7.15 -7.12 -0.10
C GLN A 19 8.68 -7.15 0.07
N GLN A 20 9.39 -7.68 -0.95
CA GLN A 20 10.86 -7.79 -0.94
C GLN A 20 11.53 -6.39 -0.98
N THR A 21 10.96 -5.47 -1.80
CA THR A 21 11.60 -4.17 -2.13
C THR A 21 10.87 -2.95 -1.48
N LEU A 22 9.94 -3.21 -0.52
CA LEU A 22 9.17 -2.12 0.15
C LEU A 22 9.95 -1.57 1.37
N GLN A 23 10.42 -0.33 1.25
CA GLN A 23 11.21 0.37 2.28
C GLN A 23 10.26 1.10 3.26
N PRO A 24 10.57 1.10 4.60
CA PRO A 24 9.79 1.88 5.61
C PRO A 24 9.86 3.40 5.31
N GLY A 25 8.95 3.84 4.44
CA GLY A 25 8.85 5.23 3.98
C GLY A 25 9.59 5.45 2.67
N MET A 26 9.00 4.95 1.55
CA MET A 26 9.56 5.11 0.20
C MET A 26 8.61 5.90 -0.74
N ARG A 27 7.36 5.37 -0.92
CA ARG A 27 6.21 5.99 -1.66
C ARG A 27 5.42 4.85 -2.32
N VAL A 28 4.11 4.75 -2.00
CA VAL A 28 3.22 3.74 -2.58
C VAL A 28 2.08 4.43 -3.37
N ARG A 29 1.31 3.61 -4.08
CA ARG A 29 0.32 4.02 -5.08
C ARG A 29 -0.81 2.98 -5.07
N MET A 30 -2.04 3.39 -5.39
CA MET A 30 -3.18 2.48 -5.39
C MET A 30 -3.33 1.86 -6.78
N LEU A 31 -3.08 0.53 -6.86
CA LEU A 31 -3.04 -0.21 -8.12
C LEU A 31 -4.47 -0.49 -8.64
N ASP A 32 -5.41 -0.69 -7.69
CA ASP A 32 -6.83 -0.96 -8.00
C ASP A 32 -7.70 -0.32 -6.93
N ASP A 33 -8.95 0.00 -7.30
CA ASP A 33 -9.88 0.80 -6.46
C ASP A 33 -10.21 0.06 -5.14
N TYR A 34 -10.32 0.83 -4.06
CA TYR A 34 -10.53 0.31 -2.70
C TYR A 34 -11.75 0.96 -2.04
N GLU A 35 -12.10 0.41 -0.87
CA GLU A 35 -13.32 0.77 -0.08
C GLU A 35 -13.50 2.29 0.09
N GLU A 36 -12.37 2.99 0.27
CA GLU A 36 -12.33 4.41 0.62
C GLU A 36 -11.21 5.16 -0.16
N ILE A 37 -10.48 4.40 -0.98
CA ILE A 37 -9.31 4.90 -1.74
C ILE A 37 -9.58 4.73 -3.25
N SER A 38 -9.16 5.72 -4.05
CA SER A 38 -9.30 5.68 -5.52
C SER A 38 -8.03 5.05 -6.15
N ALA A 39 -8.20 4.24 -7.22
CA ALA A 39 -7.07 3.72 -8.02
C ALA A 39 -6.29 4.89 -8.65
N GLY A 40 -5.01 5.03 -8.26
CA GLY A 40 -4.16 6.15 -8.69
C GLY A 40 -3.83 7.11 -7.55
N ASP A 41 -4.43 6.86 -6.36
CA ASP A 41 -4.13 7.62 -5.13
C ASP A 41 -2.80 7.16 -4.54
N GLU A 42 -2.13 8.01 -3.75
CA GLU A 42 -0.82 7.69 -3.15
C GLU A 42 -0.90 7.55 -1.64
N GLY A 43 0.07 6.82 -1.11
CA GLY A 43 0.18 6.55 0.31
C GLY A 43 1.63 6.46 0.73
N GLU A 44 1.87 6.08 1.99
CA GLU A 44 3.21 5.76 2.45
C GLU A 44 3.19 4.50 3.33
N PHE A 45 4.22 3.66 3.17
CA PHE A 45 4.42 2.45 3.98
C PHE A 45 4.80 2.83 5.41
N ARG A 46 3.97 2.40 6.38
CA ARG A 46 4.20 2.69 7.82
C ARG A 46 4.63 1.40 8.55
N GLN A 47 3.88 0.32 8.30
CA GLN A 47 4.07 -1.01 8.94
C GLN A 47 3.32 -2.08 8.13
N SER A 48 3.76 -3.33 8.25
CA SER A 48 3.20 -4.47 7.51
C SER A 48 2.93 -5.65 8.45
N ASN A 49 2.40 -6.73 7.87
CA ASN A 49 2.27 -8.04 8.53
C ASN A 49 2.62 -9.12 7.49
N ASN A 50 3.47 -10.07 7.87
CA ASN A 50 3.86 -11.21 7.01
C ASN A 50 2.83 -12.36 7.16
N GLY A 51 2.25 -12.47 8.38
CA GLY A 51 1.20 -13.43 8.66
C GLY A 51 -0.17 -12.97 8.14
N ILE A 52 -0.42 -11.65 8.22
CA ILE A 52 -1.67 -11.01 7.73
C ILE A 52 -1.35 -10.23 6.43
N PRO A 53 -1.67 -10.79 5.21
CA PRO A 53 -1.26 -10.19 3.91
C PRO A 53 -1.69 -8.71 3.62
N PRO A 54 -2.85 -8.14 4.13
CA PRO A 54 -3.10 -6.69 3.99
C PRO A 54 -2.10 -5.86 4.83
N VAL A 55 -1.22 -5.12 4.12
CA VAL A 55 -0.31 -4.11 4.70
C VAL A 55 -1.04 -2.78 4.91
N GLN A 56 -0.73 -2.09 6.04
CA GLN A 56 -1.31 -0.79 6.38
C GLN A 56 -0.41 0.33 5.79
N VAL A 57 -1.04 1.24 5.03
CA VAL A 57 -0.39 2.36 4.32
C VAL A 57 -1.26 3.61 4.47
N PHE A 58 -0.63 4.76 4.73
CA PHE A 58 -1.34 6.04 4.99
C PHE A 58 -1.73 6.70 3.67
N TRP A 59 -3.03 6.63 3.34
CA TRP A 59 -3.58 7.15 2.07
C TRP A 59 -4.07 8.58 2.22
N GLN A 60 -3.68 9.43 1.26
CA GLN A 60 -4.07 10.85 1.23
C GLN A 60 -5.58 11.03 0.94
N SER A 61 -6.21 10.08 0.20
CA SER A 61 -7.66 10.17 -0.16
C SER A 61 -8.56 10.11 1.10
N THR A 62 -8.26 9.15 1.98
CA THR A 62 -9.06 8.88 3.20
C THR A 62 -8.41 9.56 4.43
N GLY A 63 -7.15 10.02 4.26
CA GLY A 63 -6.42 10.74 5.31
C GLY A 63 -5.92 9.87 6.44
N ARG A 64 -5.90 8.54 6.22
CA ARG A 64 -5.55 7.57 7.27
C ARG A 64 -4.92 6.29 6.69
N THR A 65 -4.41 5.46 7.59
CA THR A 65 -3.71 4.22 7.28
C THR A 65 -4.75 3.08 7.15
N TYR A 66 -4.81 2.43 5.96
CA TYR A 66 -5.82 1.40 5.67
C TYR A 66 -5.16 0.11 5.14
N TRP A 67 -5.89 -1.01 5.30
CA TRP A 67 -5.45 -2.36 4.89
C TRP A 67 -5.56 -2.51 3.36
N VAL A 68 -4.42 -2.79 2.69
CA VAL A 68 -4.41 -3.12 1.24
C VAL A 68 -3.49 -4.34 1.01
N HIS A 69 -3.82 -5.15 0.00
CA HIS A 69 -3.06 -6.37 -0.34
C HIS A 69 -1.79 -6.01 -1.13
N TRP A 70 -0.71 -6.81 -0.93
CA TRP A 70 0.60 -6.61 -1.59
C TRP A 70 0.49 -6.52 -3.12
N HIS A 71 -0.21 -7.50 -3.72
CA HIS A 71 -0.34 -7.61 -5.20
C HIS A 71 -1.31 -6.56 -5.78
N MET A 72 -2.06 -5.92 -4.89
CA MET A 72 -3.01 -4.84 -5.25
C MET A 72 -2.46 -3.47 -4.80
N LEU A 73 -1.15 -3.45 -4.47
CA LEU A 73 -0.42 -2.24 -4.10
C LEU A 73 0.69 -1.99 -5.14
N GLU A 74 0.77 -0.75 -5.64
CA GLU A 74 1.79 -0.28 -6.59
C GLU A 74 2.79 0.61 -5.85
N ILE A 75 4.09 0.50 -6.15
CA ILE A 75 5.14 1.37 -5.56
C ILE A 75 5.81 2.27 -6.63
N LEU A 76 6.23 3.49 -6.22
CA LEU A 76 6.92 4.47 -7.11
C LEU A 76 7.86 5.37 -6.26
N GLY A 77 8.48 4.75 -5.23
CA GLY A 77 9.29 5.47 -4.25
C GLY A 77 10.66 5.95 -4.74
N TYR A 14 4.11 -10.09 -8.20
CA TYR A 14 4.40 -8.66 -7.95
C TYR A 14 4.10 -8.26 -6.49
N GLY A 15 3.11 -8.95 -5.88
CA GLY A 15 2.73 -8.70 -4.50
C GLY A 15 3.79 -9.13 -3.50
N GLU A 16 4.36 -10.29 -3.77
CA GLU A 16 5.46 -10.84 -2.98
C GLU A 16 6.72 -9.99 -3.21
N TYR A 17 6.87 -9.49 -4.45
CA TYR A 17 8.01 -8.63 -4.83
C TYR A 17 8.01 -7.29 -4.08
N VAL A 18 6.85 -6.58 -4.07
CA VAL A 18 6.73 -5.27 -3.39
C VAL A 18 7.03 -5.41 -1.90
N GLN A 19 6.59 -6.52 -1.28
CA GLN A 19 6.83 -6.83 0.14
C GLN A 19 8.33 -6.78 0.48
N GLN A 20 9.16 -7.23 -0.49
CA GLN A 20 10.62 -7.40 -0.29
C GLN A 20 11.38 -6.08 -0.45
N THR A 21 10.95 -5.24 -1.39
CA THR A 21 11.69 -4.01 -1.79
C THR A 21 10.98 -2.72 -1.30
N LEU A 22 9.88 -2.86 -0.55
CA LEU A 22 9.11 -1.69 -0.04
C LEU A 22 9.72 -1.21 1.29
N GLN A 23 10.24 0.03 1.29
CA GLN A 23 10.97 0.64 2.43
C GLN A 23 10.02 1.42 3.36
N PRO A 24 10.17 1.30 4.73
CA PRO A 24 9.33 2.05 5.70
C PRO A 24 9.62 3.56 5.67
N GLY A 25 8.84 4.30 4.85
CA GLY A 25 8.97 5.75 4.73
C GLY A 25 8.92 6.22 3.28
N MET A 26 8.94 5.27 2.32
CA MET A 26 8.75 5.57 0.90
C MET A 26 7.26 5.44 0.55
N ARG A 27 6.88 5.95 -0.63
CA ARG A 27 5.49 6.06 -1.05
C ARG A 27 5.04 4.78 -1.74
N VAL A 28 3.71 4.65 -1.82
CA VAL A 28 3.03 3.55 -2.50
C VAL A 28 1.95 4.15 -3.41
N ARG A 29 1.28 3.30 -4.18
CA ARG A 29 0.31 3.69 -5.21
C ARG A 29 -0.82 2.64 -5.21
N MET A 30 -2.06 3.07 -5.49
CA MET A 30 -3.25 2.18 -5.56
C MET A 30 -3.56 1.83 -7.03
N LEU A 31 -3.49 0.53 -7.37
CA LEU A 31 -3.70 0.03 -8.75
C LEU A 31 -5.19 0.05 -9.14
N ASP A 32 -6.07 -0.39 -8.22
CA ASP A 32 -7.53 -0.47 -8.49
C ASP A 32 -8.29 0.22 -7.34
N ASP A 33 -9.58 0.53 -7.54
CA ASP A 33 -10.39 1.26 -6.55
C ASP A 33 -10.63 0.40 -5.29
N TYR A 34 -10.17 0.92 -4.15
CA TYR A 34 -10.33 0.27 -2.84
C TYR A 34 -11.53 0.88 -2.07
N GLU A 35 -11.83 0.25 -0.92
CA GLU A 35 -12.99 0.59 -0.05
C GLU A 35 -13.13 2.11 0.25
N GLU A 36 -12.01 2.75 0.63
CA GLU A 36 -11.97 4.21 0.94
C GLU A 36 -10.84 4.91 0.16
N ILE A 37 -10.21 4.19 -0.77
CA ILE A 37 -9.14 4.72 -1.65
C ILE A 37 -9.60 4.58 -3.11
N SER A 38 -9.27 5.54 -3.98
CA SER A 38 -9.55 5.43 -5.43
C SER A 38 -8.28 4.98 -6.17
N ALA A 39 -8.46 4.33 -7.33
CA ALA A 39 -7.38 3.94 -8.24
C ALA A 39 -6.64 5.18 -8.74
N GLY A 40 -5.33 5.29 -8.42
CA GLY A 40 -4.51 6.43 -8.82
C GLY A 40 -4.03 7.26 -7.63
N ASP A 41 -4.60 6.99 -6.43
CA ASP A 41 -4.16 7.65 -5.17
C ASP A 41 -2.90 7.00 -4.64
N GLU A 42 -2.15 7.76 -3.83
CA GLU A 42 -0.84 7.34 -3.31
C GLU A 42 -0.85 7.32 -1.77
N GLY A 43 0.12 6.58 -1.21
CA GLY A 43 0.24 6.35 0.22
C GLY A 43 1.68 6.36 0.67
N GLU A 44 1.93 5.92 1.91
CA GLU A 44 3.28 5.66 2.42
C GLU A 44 3.28 4.38 3.23
N PHE A 45 4.34 3.58 3.09
CA PHE A 45 4.52 2.34 3.85
C PHE A 45 5.05 2.67 5.26
N ARG A 46 4.29 2.26 6.30
CA ARG A 46 4.67 2.51 7.71
C ARG A 46 5.12 1.17 8.37
N GLN A 47 4.29 0.13 8.17
CA GLN A 47 4.52 -1.21 8.77
C GLN A 47 3.83 -2.29 7.92
N SER A 48 4.40 -3.52 7.96
CA SER A 48 3.88 -4.68 7.22
C SER A 48 3.46 -5.79 8.16
N ASN A 49 2.66 -6.72 7.63
CA ASN A 49 2.47 -8.05 8.20
C ASN A 49 2.82 -9.03 7.08
N ASN A 50 3.80 -9.89 7.34
CA ASN A 50 4.35 -10.81 6.34
C ASN A 50 3.58 -12.14 6.36
N GLY A 51 3.00 -12.46 7.54
CA GLY A 51 2.09 -13.60 7.70
C GLY A 51 0.65 -13.25 7.30
N ILE A 52 0.29 -11.95 7.45
CA ILE A 52 -1.07 -11.46 7.16
C ILE A 52 -0.96 -10.48 5.96
N PRO A 53 -1.34 -10.91 4.70
CA PRO A 53 -1.06 -10.12 3.47
C PRO A 53 -1.69 -8.67 3.35
N PRO A 54 -2.84 -8.28 4.02
CA PRO A 54 -3.25 -6.86 4.05
C PRO A 54 -2.26 -5.99 4.88
N VAL A 55 -1.45 -5.20 4.16
CA VAL A 55 -0.49 -4.24 4.73
C VAL A 55 -1.16 -2.89 5.01
N GLN A 56 -0.73 -2.22 6.10
CA GLN A 56 -1.23 -0.91 6.48
C GLN A 56 -0.33 0.19 5.85
N VAL A 57 -0.97 1.06 5.05
CA VAL A 57 -0.32 2.18 4.35
C VAL A 57 -1.18 3.43 4.55
N PHE A 58 -0.52 4.56 4.84
CA PHE A 58 -1.19 5.85 5.09
C PHE A 58 -1.53 6.49 3.75
N TRP A 59 -2.83 6.52 3.43
CA TRP A 59 -3.34 7.07 2.18
C TRP A 59 -3.73 8.54 2.34
N GLN A 60 -3.27 9.38 1.40
CA GLN A 60 -3.72 10.78 1.26
C GLN A 60 -5.22 10.84 0.93
N SER A 61 -5.72 9.77 0.28
CA SER A 61 -7.11 9.65 -0.18
C SER A 61 -8.13 9.73 0.97
N THR A 62 -7.84 9.01 2.07
CA THR A 62 -8.73 8.87 3.23
C THR A 62 -8.14 9.56 4.49
N GLY A 63 -6.86 9.97 4.41
CA GLY A 63 -6.18 10.67 5.50
C GLY A 63 -5.71 9.76 6.62
N ARG A 64 -5.71 8.44 6.37
CA ARG A 64 -5.41 7.43 7.41
C ARG A 64 -4.82 6.16 6.80
N THR A 65 -4.39 5.25 7.69
CA THR A 65 -3.78 3.97 7.34
C THR A 65 -4.86 2.90 7.11
N TYR A 66 -4.84 2.22 5.94
CA TYR A 66 -5.85 1.19 5.60
C TYR A 66 -5.17 -0.12 5.16
N TRP A 67 -5.92 -1.23 5.33
CA TRP A 67 -5.50 -2.59 4.99
C TRP A 67 -5.70 -2.85 3.49
N VAL A 68 -4.60 -2.93 2.73
CA VAL A 68 -4.63 -3.21 1.28
C VAL A 68 -3.73 -4.42 0.96
N HIS A 69 -4.06 -5.17 -0.10
CA HIS A 69 -3.26 -6.34 -0.49
C HIS A 69 -2.02 -5.90 -1.29
N TRP A 70 -0.93 -6.67 -1.11
CA TRP A 70 0.39 -6.41 -1.73
C TRP A 70 0.33 -6.28 -3.27
N HIS A 71 -0.39 -7.20 -3.95
CA HIS A 71 -0.40 -7.27 -5.44
C HIS A 71 -1.20 -6.10 -6.07
N MET A 72 -2.11 -5.50 -5.28
CA MET A 72 -2.86 -4.29 -5.69
C MET A 72 -2.17 -3.01 -5.21
N LEU A 73 -1.11 -3.17 -4.42
CA LEU A 73 -0.23 -2.09 -4.02
C LEU A 73 0.91 -2.02 -5.05
N GLU A 74 1.07 -0.84 -5.65
CA GLU A 74 2.18 -0.53 -6.57
C GLU A 74 3.17 0.36 -5.81
N ILE A 75 4.46 0.16 -6.06
CA ILE A 75 5.52 0.96 -5.44
C ILE A 75 6.10 1.96 -6.46
N LEU A 76 5.94 3.26 -6.18
CA LEU A 76 6.57 4.35 -6.98
C LEU A 76 7.64 5.09 -6.17
N GLY A 77 7.92 4.60 -4.95
CA GLY A 77 8.91 5.21 -4.06
C GLY A 77 10.33 5.00 -4.56
N TYR A 14 4.82 -10.78 -8.43
CA TYR A 14 4.92 -9.31 -8.23
C TYR A 14 4.53 -8.92 -6.79
N GLY A 15 3.52 -9.64 -6.25
CA GLY A 15 3.05 -9.43 -4.88
C GLY A 15 4.09 -9.83 -3.84
N GLU A 16 4.91 -10.83 -4.18
CA GLU A 16 6.06 -11.21 -3.35
C GLU A 16 7.15 -10.14 -3.47
N TYR A 17 7.45 -9.73 -4.73
CA TYR A 17 8.56 -8.83 -5.08
C TYR A 17 8.45 -7.50 -4.33
N VAL A 18 7.24 -6.89 -4.38
CA VAL A 18 6.97 -5.62 -3.69
C VAL A 18 7.22 -5.77 -2.18
N GLN A 19 6.77 -6.89 -1.60
CA GLN A 19 6.93 -7.19 -0.16
C GLN A 19 8.42 -7.28 0.23
N GLN A 20 9.26 -7.75 -0.73
CA GLN A 20 10.71 -7.93 -0.52
C GLN A 20 11.49 -6.60 -0.68
N THR A 21 11.00 -5.72 -1.58
CA THR A 21 11.69 -4.45 -1.91
C THR A 21 10.95 -3.22 -1.32
N LEU A 22 9.93 -3.46 -0.48
CA LEU A 22 9.17 -2.38 0.18
C LEU A 22 10.10 -1.65 1.19
N GLN A 23 10.33 -0.36 0.96
CA GLN A 23 11.21 0.47 1.81
C GLN A 23 10.38 1.04 2.99
N PRO A 24 10.91 0.97 4.27
CA PRO A 24 10.15 1.43 5.46
C PRO A 24 10.03 2.97 5.52
N GLY A 25 8.98 3.50 4.89
CA GLY A 25 8.68 4.94 4.90
C GLY A 25 8.70 5.51 3.50
N MET A 26 8.46 4.63 2.50
CA MET A 26 8.44 5.01 1.08
C MET A 26 7.03 5.38 0.65
N ARG A 27 6.93 5.97 -0.54
CA ARG A 27 5.67 6.41 -1.13
C ARG A 27 5.07 5.26 -1.96
N VAL A 28 3.75 5.23 -1.96
CA VAL A 28 2.95 4.13 -2.49
C VAL A 28 1.90 4.73 -3.46
N ARG A 29 1.27 3.90 -4.29
CA ARG A 29 0.20 4.30 -5.20
C ARG A 29 -0.75 3.10 -5.37
N MET A 30 -2.06 3.36 -5.25
CA MET A 30 -3.11 2.33 -5.37
C MET A 30 -3.43 2.07 -6.85
N LEU A 31 -3.10 0.86 -7.35
CA LEU A 31 -3.41 0.44 -8.76
C LEU A 31 -4.84 -0.15 -8.86
N ASP A 32 -5.52 -0.25 -7.70
CA ASP A 32 -6.85 -0.88 -7.57
C ASP A 32 -7.81 0.11 -6.93
N ASP A 33 -9.13 -0.14 -7.05
CA ASP A 33 -10.16 0.73 -6.47
C ASP A 33 -10.62 0.11 -5.14
N TYR A 34 -10.40 0.84 -4.05
CA TYR A 34 -10.69 0.41 -2.67
C TYR A 34 -11.92 1.10 -2.07
N GLU A 35 -12.30 0.61 -0.87
CA GLU A 35 -13.51 1.02 -0.12
C GLU A 35 -13.62 2.56 0.03
N GLU A 36 -12.49 3.18 0.39
CA GLU A 36 -12.39 4.65 0.66
C GLU A 36 -11.18 5.27 -0.05
N ILE A 37 -10.44 4.45 -0.84
CA ILE A 37 -9.30 4.89 -1.65
C ILE A 37 -9.64 4.62 -3.13
N SER A 38 -9.33 5.57 -4.03
CA SER A 38 -9.54 5.38 -5.48
C SER A 38 -8.22 4.98 -6.16
N ALA A 39 -8.32 4.30 -7.31
CA ALA A 39 -7.16 3.92 -8.11
C ALA A 39 -6.50 5.18 -8.70
N GLY A 40 -5.27 5.47 -8.25
CA GLY A 40 -4.55 6.70 -8.62
C GLY A 40 -3.97 7.43 -7.41
N ASP A 41 -4.59 7.23 -6.23
CA ASP A 41 -4.16 7.86 -4.96
C ASP A 41 -2.83 7.30 -4.45
N GLU A 42 -2.15 8.09 -3.61
CA GLU A 42 -0.83 7.75 -3.06
C GLU A 42 -0.87 7.59 -1.53
N GLY A 43 0.11 6.85 -1.01
CA GLY A 43 0.22 6.52 0.41
C GLY A 43 1.66 6.50 0.88
N GLU A 44 1.88 6.07 2.13
CA GLU A 44 3.22 5.82 2.67
C GLU A 44 3.20 4.51 3.45
N PHE A 45 4.29 3.75 3.35
CA PHE A 45 4.46 2.47 4.05
C PHE A 45 5.05 2.71 5.45
N ARG A 46 4.32 2.34 6.51
CA ARG A 46 4.81 2.50 7.92
C ARG A 46 5.06 1.12 8.57
N GLN A 47 4.08 0.21 8.42
CA GLN A 47 4.11 -1.13 9.05
C GLN A 47 3.44 -2.15 8.12
N SER A 48 3.71 -3.44 8.37
CA SER A 48 3.29 -4.52 7.47
C SER A 48 3.25 -5.86 8.18
N ASN A 49 2.66 -6.86 7.50
CA ASN A 49 2.67 -8.26 7.92
C ASN A 49 2.91 -9.13 6.66
N ASN A 50 3.71 -10.19 6.79
CA ASN A 50 4.02 -11.10 5.68
C ASN A 50 3.06 -12.30 5.69
N GLY A 51 2.65 -12.72 6.91
CA GLY A 51 1.65 -13.77 7.07
C GLY A 51 0.23 -13.25 6.89
N ILE A 52 0.02 -11.97 7.25
CA ILE A 52 -1.28 -11.29 7.08
C ILE A 52 -1.13 -10.34 5.86
N PRO A 53 -1.63 -10.75 4.65
CA PRO A 53 -1.38 -10.00 3.39
C PRO A 53 -1.93 -8.54 3.27
N PRO A 54 -3.00 -8.08 4.01
CA PRO A 54 -3.32 -6.63 4.04
C PRO A 54 -2.26 -5.84 4.87
N VAL A 55 -1.44 -5.07 4.13
CA VAL A 55 -0.48 -4.10 4.72
C VAL A 55 -1.18 -2.75 4.96
N GLN A 56 -0.83 -2.11 6.08
CA GLN A 56 -1.36 -0.79 6.46
C GLN A 56 -0.47 0.30 5.84
N VAL A 57 -1.09 1.17 5.04
CA VAL A 57 -0.43 2.31 4.36
C VAL A 57 -1.29 3.56 4.56
N PHE A 58 -0.63 4.70 4.88
CA PHE A 58 -1.32 5.96 5.17
C PHE A 58 -1.70 6.67 3.87
N TRP A 59 -2.99 6.66 3.55
CA TRP A 59 -3.53 7.26 2.31
C TRP A 59 -3.97 8.70 2.52
N GLN A 60 -3.51 9.58 1.61
CA GLN A 60 -3.94 10.98 1.54
C GLN A 60 -5.45 11.10 1.25
N SER A 61 -5.96 10.11 0.50
CA SER A 61 -7.33 10.09 -0.04
C SER A 61 -8.39 10.14 1.07
N THR A 62 -8.14 9.35 2.11
CA THR A 62 -9.06 9.16 3.24
C THR A 62 -8.48 9.75 4.55
N GLY A 63 -7.20 10.16 4.50
CA GLY A 63 -6.53 10.81 5.63
C GLY A 63 -6.09 9.83 6.73
N ARG A 64 -6.06 8.54 6.41
CA ARG A 64 -5.81 7.48 7.41
C ARG A 64 -5.16 6.25 6.78
N THR A 65 -4.71 5.35 7.66
CA THR A 65 -3.99 4.13 7.31
C THR A 65 -5.00 3.01 7.02
N TYR A 66 -4.94 2.40 5.82
CA TYR A 66 -5.91 1.37 5.41
C TYR A 66 -5.19 0.09 4.95
N TRP A 67 -5.93 -1.02 5.05
CA TRP A 67 -5.44 -2.38 4.84
C TRP A 67 -5.61 -2.75 3.36
N VAL A 68 -4.47 -2.91 2.64
CA VAL A 68 -4.47 -3.20 1.18
C VAL A 68 -3.56 -4.41 0.87
N HIS A 69 -3.86 -5.13 -0.22
CA HIS A 69 -3.11 -6.35 -0.61
C HIS A 69 -1.78 -5.97 -1.33
N TRP A 70 -0.73 -6.80 -1.14
CA TRP A 70 0.62 -6.55 -1.69
C TRP A 70 0.65 -6.47 -3.23
N HIS A 71 0.02 -7.45 -3.90
CA HIS A 71 -0.02 -7.52 -5.39
C HIS A 71 -0.85 -6.37 -5.99
N MET A 72 -1.76 -5.83 -5.18
CA MET A 72 -2.65 -4.71 -5.55
C MET A 72 -2.07 -3.36 -5.09
N LEU A 73 -0.93 -3.41 -4.39
CA LEU A 73 -0.14 -2.23 -4.00
C LEU A 73 0.95 -2.02 -5.07
N GLU A 74 1.21 -0.73 -5.40
CA GLU A 74 2.26 -0.34 -6.37
C GLU A 74 3.18 0.68 -5.70
N ILE A 75 4.51 0.52 -5.87
CA ILE A 75 5.51 1.45 -5.33
C ILE A 75 6.20 2.24 -6.47
N LEU A 76 6.00 3.58 -6.46
CA LEU A 76 6.64 4.52 -7.40
C LEU A 76 7.96 5.05 -6.82
N GLY A 77 8.24 4.70 -5.56
CA GLY A 77 9.49 5.08 -4.90
C GLY A 77 10.68 4.28 -5.45
N TYR A 14 4.46 -10.00 -8.90
CA TYR A 14 4.60 -8.59 -8.45
C TYR A 14 4.25 -8.40 -6.96
N GLY A 15 3.27 -9.18 -6.46
CA GLY A 15 2.86 -9.12 -5.06
C GLY A 15 3.92 -9.62 -4.10
N GLU A 16 4.68 -10.62 -4.54
CA GLU A 16 5.83 -11.13 -3.78
C GLU A 16 7.01 -10.13 -3.86
N TYR A 17 7.19 -9.53 -5.05
CA TYR A 17 8.27 -8.57 -5.34
C TYR A 17 8.22 -7.37 -4.40
N VAL A 18 7.02 -6.78 -4.30
CA VAL A 18 6.79 -5.59 -3.49
C VAL A 18 7.06 -5.87 -2.01
N GLN A 19 6.70 -7.08 -1.54
CA GLN A 19 6.89 -7.49 -0.14
C GLN A 19 8.38 -7.33 0.24
N GLN A 20 9.28 -7.72 -0.68
CA GLN A 20 10.73 -7.81 -0.41
C GLN A 20 11.42 -6.44 -0.55
N THR A 21 10.87 -5.57 -1.43
CA THR A 21 11.45 -4.25 -1.74
C THR A 21 10.73 -3.08 -1.02
N LEU A 22 9.65 -3.36 -0.27
CA LEU A 22 8.89 -2.31 0.45
C LEU A 22 9.59 -1.94 1.78
N GLN A 23 10.03 -0.68 1.88
CA GLN A 23 10.65 -0.11 3.09
C GLN A 23 9.61 0.77 3.83
N PRO A 24 9.58 0.73 5.21
CA PRO A 24 8.71 1.62 6.01
C PRO A 24 9.18 3.09 5.90
N GLY A 25 8.67 3.79 4.86
CA GLY A 25 8.94 5.20 4.65
C GLY A 25 8.97 5.59 3.17
N MET A 26 8.70 4.63 2.27
CA MET A 26 8.68 4.89 0.81
C MET A 26 7.23 5.15 0.31
N ARG A 27 7.16 5.69 -0.91
CA ARG A 27 5.92 6.19 -1.52
C ARG A 27 5.26 5.07 -2.33
N VAL A 28 3.97 4.83 -2.07
CA VAL A 28 3.20 3.77 -2.72
C VAL A 28 2.06 4.41 -3.56
N ARG A 29 1.38 3.58 -4.36
CA ARG A 29 0.29 3.99 -5.26
C ARG A 29 -0.65 2.78 -5.45
N MET A 30 -1.97 3.00 -5.29
CA MET A 30 -3.00 1.95 -5.43
C MET A 30 -3.48 1.84 -6.90
N LEU A 31 -3.45 0.60 -7.45
CA LEU A 31 -3.87 0.31 -8.84
C LEU A 31 -5.28 -0.34 -8.89
N ASP A 32 -5.93 -0.47 -7.73
CA ASP A 32 -7.26 -1.11 -7.59
C ASP A 32 -8.23 -0.16 -6.86
N ASP A 33 -9.54 -0.41 -6.93
CA ASP A 33 -10.54 0.40 -6.22
C ASP A 33 -10.90 -0.24 -4.88
N TYR A 34 -10.59 0.47 -3.80
CA TYR A 34 -10.81 0.05 -2.42
C TYR A 34 -11.92 0.92 -1.78
N GLU A 35 -12.36 0.51 -0.58
CA GLU A 35 -13.43 1.16 0.23
C GLU A 35 -13.37 2.70 0.21
N GLU A 36 -12.19 3.23 0.60
CA GLU A 36 -11.96 4.68 0.74
C GLU A 36 -10.72 5.13 -0.08
N ILE A 37 -10.10 4.19 -0.83
CA ILE A 37 -8.94 4.47 -1.70
C ILE A 37 -9.29 4.13 -3.15
N SER A 38 -9.61 5.14 -3.97
CA SER A 38 -9.93 4.91 -5.40
C SER A 38 -8.62 4.72 -6.20
N ALA A 39 -8.70 3.93 -7.30
CA ALA A 39 -7.53 3.56 -8.11
C ALA A 39 -6.85 4.82 -8.69
N GLY A 40 -5.60 5.05 -8.26
CA GLY A 40 -4.84 6.24 -8.65
C GLY A 40 -4.27 6.99 -7.45
N ASP A 41 -4.79 6.67 -6.24
CA ASP A 41 -4.36 7.36 -5.00
C ASP A 41 -2.95 6.91 -4.56
N GLU A 42 -2.25 7.79 -3.82
CA GLU A 42 -0.91 7.52 -3.30
C GLU A 42 -0.92 7.47 -1.77
N GLY A 43 0.11 6.82 -1.22
CA GLY A 43 0.29 6.68 0.22
C GLY A 43 1.74 6.55 0.58
N GLU A 44 2.04 6.23 1.85
CA GLU A 44 3.40 5.95 2.30
C GLU A 44 3.37 4.72 3.19
N PHE A 45 4.42 3.88 3.08
CA PHE A 45 4.52 2.62 3.79
C PHE A 45 4.99 2.89 5.22
N ARG A 46 4.19 2.44 6.21
CA ARG A 46 4.42 2.78 7.64
C ARG A 46 4.93 1.54 8.39
N GLN A 47 4.25 0.41 8.13
CA GLN A 47 4.54 -0.89 8.75
C GLN A 47 4.13 -2.01 7.80
N SER A 48 4.76 -3.19 8.00
CA SER A 48 4.47 -4.40 7.22
C SER A 48 3.93 -5.51 8.10
N ASN A 49 3.23 -6.45 7.46
CA ASN A 49 2.71 -7.66 8.10
C ASN A 49 2.58 -8.72 7.00
N ASN A 50 3.33 -9.81 7.18
CA ASN A 50 3.51 -10.87 6.17
C ASN A 50 2.60 -12.06 6.47
N GLY A 51 2.07 -12.11 7.72
CA GLY A 51 1.01 -13.03 8.09
C GLY A 51 -0.37 -12.49 7.71
N ILE A 52 -0.45 -11.15 7.53
CA ILE A 52 -1.69 -10.44 7.17
C ILE A 52 -1.49 -9.85 5.75
N PRO A 53 -2.00 -10.52 4.66
CA PRO A 53 -1.82 -10.02 3.28
C PRO A 53 -2.35 -8.57 2.97
N PRO A 54 -3.45 -8.03 3.61
CA PRO A 54 -3.74 -6.59 3.54
C PRO A 54 -2.84 -5.77 4.50
N VAL A 55 -1.76 -5.19 3.95
CA VAL A 55 -0.76 -4.39 4.69
C VAL A 55 -1.22 -2.93 4.88
N GLN A 56 -0.71 -2.26 5.94
CA GLN A 56 -1.16 -0.92 6.34
C GLN A 56 -0.25 0.18 5.72
N VAL A 57 -0.89 1.15 5.07
CA VAL A 57 -0.23 2.32 4.41
C VAL A 57 -1.09 3.56 4.66
N PHE A 58 -0.44 4.71 4.91
CA PHE A 58 -1.13 5.99 5.14
C PHE A 58 -1.48 6.60 3.76
N TRP A 59 -2.77 6.56 3.41
CA TRP A 59 -3.29 7.08 2.15
C TRP A 59 -3.68 8.56 2.30
N GLN A 60 -3.21 9.38 1.35
CA GLN A 60 -3.40 10.84 1.38
C GLN A 60 -4.88 11.24 1.13
N SER A 61 -5.64 10.38 0.41
CA SER A 61 -7.06 10.68 0.06
C SER A 61 -7.96 10.67 1.32
N THR A 62 -7.76 9.64 2.17
CA THR A 62 -8.58 9.42 3.38
C THR A 62 -7.93 10.05 4.63
N GLY A 63 -6.58 10.11 4.64
CA GLY A 63 -5.83 10.73 5.74
C GLY A 63 -5.46 9.77 6.87
N ARG A 64 -5.39 8.45 6.57
CA ARG A 64 -5.13 7.41 7.59
C ARG A 64 -4.48 6.16 6.99
N THR A 65 -4.15 5.18 7.85
CA THR A 65 -3.67 3.86 7.42
C THR A 65 -4.87 2.97 7.10
N TYR A 66 -4.72 2.14 6.04
CA TYR A 66 -5.76 1.19 5.65
C TYR A 66 -5.12 -0.09 5.12
N TRP A 67 -5.89 -1.18 5.23
CA TRP A 67 -5.49 -2.53 4.88
C TRP A 67 -5.66 -2.73 3.36
N VAL A 68 -4.54 -2.94 2.63
CA VAL A 68 -4.56 -3.16 1.16
C VAL A 68 -3.60 -4.31 0.79
N HIS A 69 -3.97 -5.09 -0.23
CA HIS A 69 -3.18 -6.26 -0.65
C HIS A 69 -1.84 -5.82 -1.30
N TRP A 70 -0.78 -6.64 -1.11
CA TRP A 70 0.58 -6.34 -1.60
C TRP A 70 0.62 -6.17 -3.13
N HIS A 71 -0.04 -7.10 -3.85
CA HIS A 71 -0.08 -7.09 -5.34
C HIS A 71 -0.83 -5.85 -5.90
N MET A 72 -1.70 -5.28 -5.05
CA MET A 72 -2.50 -4.09 -5.38
C MET A 72 -1.75 -2.80 -4.98
N LEU A 73 -0.69 -2.98 -4.18
CA LEU A 73 0.20 -1.89 -3.77
C LEU A 73 1.34 -1.82 -4.80
N GLU A 74 1.48 -0.64 -5.41
CA GLU A 74 2.46 -0.38 -6.48
C GLU A 74 3.35 0.79 -6.07
N ILE A 75 4.68 0.60 -6.07
CA ILE A 75 5.63 1.65 -5.66
C ILE A 75 6.25 2.35 -6.88
N LEU A 76 6.00 3.67 -6.97
CA LEU A 76 6.75 4.58 -7.87
C LEU A 76 7.69 5.45 -7.01
N GLY A 77 7.80 5.10 -5.72
CA GLY A 77 8.57 5.87 -4.75
C GLY A 77 10.06 5.56 -4.79
N TYR A 14 4.14 -9.90 -8.60
CA TYR A 14 4.30 -8.47 -8.26
C TYR A 14 4.05 -8.18 -6.76
N GLY A 15 3.09 -8.92 -6.17
CA GLY A 15 2.78 -8.77 -4.75
C GLY A 15 3.90 -9.23 -3.84
N GLU A 16 4.54 -10.29 -4.29
CA GLU A 16 5.69 -10.88 -3.63
C GLU A 16 6.92 -10.00 -3.84
N TYR A 17 7.00 -9.33 -5.00
CA TYR A 17 8.11 -8.43 -5.39
C TYR A 17 8.12 -7.18 -4.51
N VAL A 18 6.94 -6.52 -4.40
CA VAL A 18 6.79 -5.29 -3.60
C VAL A 18 7.16 -5.56 -2.14
N GLN A 19 6.77 -6.74 -1.64
CA GLN A 19 7.05 -7.19 -0.25
C GLN A 19 8.57 -7.20 0.05
N GLN A 20 9.38 -7.61 -0.95
CA GLN A 20 10.85 -7.74 -0.77
C GLN A 20 11.54 -6.37 -0.84
N THR A 21 11.13 -5.52 -1.81
CA THR A 21 11.78 -4.21 -2.07
C THR A 21 11.17 -3.06 -1.23
N LEU A 22 10.19 -3.39 -0.36
CA LEU A 22 9.42 -2.40 0.43
C LEU A 22 10.25 -1.86 1.61
N GLN A 23 10.39 -0.52 1.69
CA GLN A 23 11.22 0.16 2.71
C GLN A 23 10.33 0.98 3.65
N PRO A 24 10.40 0.76 5.01
CA PRO A 24 9.59 1.48 6.03
C PRO A 24 9.63 3.03 5.90
N GLY A 25 8.74 3.56 5.03
CA GLY A 25 8.54 5.00 4.87
C GLY A 25 8.74 5.43 3.43
N MET A 26 8.51 4.50 2.48
CA MET A 26 8.66 4.78 1.03
C MET A 26 7.32 5.26 0.43
N ARG A 27 7.39 5.62 -0.84
CA ARG A 27 6.31 6.30 -1.57
C ARG A 27 5.46 5.26 -2.32
N VAL A 28 4.13 5.30 -2.08
CA VAL A 28 3.17 4.26 -2.48
C VAL A 28 2.10 4.83 -3.46
N ARG A 29 1.45 3.90 -4.19
CA ARG A 29 0.37 4.16 -5.17
C ARG A 29 -0.69 3.03 -5.04
N MET A 30 -1.96 3.34 -5.38
CA MET A 30 -3.07 2.38 -5.35
C MET A 30 -3.26 1.77 -6.75
N LEU A 31 -3.02 0.46 -6.89
CA LEU A 31 -3.11 -0.26 -8.18
C LEU A 31 -4.57 -0.65 -8.50
N ASP A 32 -5.40 -0.89 -7.45
CA ASP A 32 -6.82 -1.27 -7.63
C ASP A 32 -7.72 -0.52 -6.65
N ASP A 33 -9.00 -0.35 -7.02
CA ASP A 33 -9.99 0.42 -6.23
C ASP A 33 -10.27 -0.25 -4.87
N TYR A 34 -10.50 0.59 -3.86
CA TYR A 34 -10.70 0.19 -2.47
C TYR A 34 -11.91 0.92 -1.87
N GLU A 35 -12.23 0.55 -0.63
CA GLU A 35 -13.43 1.00 0.10
C GLU A 35 -13.48 2.54 0.22
N GLU A 36 -12.36 3.12 0.71
CA GLU A 36 -12.22 4.59 0.94
C GLU A 36 -11.07 5.17 0.10
N ILE A 37 -10.39 4.31 -0.69
CA ILE A 37 -9.31 4.71 -1.63
C ILE A 37 -9.73 4.30 -3.06
N SER A 38 -9.36 5.07 -4.08
CA SER A 38 -9.60 4.66 -5.49
C SER A 38 -8.25 4.38 -6.19
N ALA A 39 -8.31 3.61 -7.31
CA ALA A 39 -7.11 3.28 -8.11
C ALA A 39 -6.54 4.58 -8.73
N GLY A 40 -5.31 4.93 -8.36
CA GLY A 40 -4.66 6.18 -8.77
C GLY A 40 -4.21 7.01 -7.58
N ASP A 41 -4.96 6.90 -6.46
CA ASP A 41 -4.64 7.58 -5.19
C ASP A 41 -3.36 7.03 -4.57
N GLU A 42 -2.67 7.86 -3.77
CA GLU A 42 -1.28 7.57 -3.34
C GLU A 42 -1.12 7.65 -1.82
N GLY A 43 -0.10 6.92 -1.32
CA GLY A 43 0.11 6.72 0.11
C GLY A 43 1.58 6.69 0.47
N GLU A 44 1.87 6.29 1.71
CA GLU A 44 3.23 6.04 2.20
C GLU A 44 3.20 4.75 3.02
N PHE A 45 4.24 3.93 2.87
CA PHE A 45 4.39 2.67 3.61
C PHE A 45 4.74 2.96 5.09
N ARG A 46 3.92 2.43 6.03
CA ARG A 46 4.07 2.70 7.47
C ARG A 46 4.57 1.46 8.22
N GLN A 47 3.94 0.30 7.95
CA GLN A 47 4.29 -0.99 8.60
C GLN A 47 3.60 -2.15 7.86
N SER A 48 4.26 -3.31 7.83
CA SER A 48 3.80 -4.50 7.10
C SER A 48 3.52 -5.67 8.03
N ASN A 49 2.96 -6.75 7.45
CA ASN A 49 2.71 -8.01 8.16
C ASN A 49 3.30 -9.16 7.34
N ASN A 50 4.25 -9.90 7.93
CA ASN A 50 4.93 -11.03 7.27
C ASN A 50 4.12 -12.32 7.50
N GLY A 51 2.95 -12.41 6.84
CA GLY A 51 2.06 -13.55 6.96
C GLY A 51 0.61 -13.16 6.73
N ILE A 52 0.28 -11.88 7.03
CA ILE A 52 -1.09 -11.35 6.85
C ILE A 52 -1.10 -10.47 5.57
N PRO A 53 -1.93 -10.83 4.53
CA PRO A 53 -1.89 -10.11 3.23
C PRO A 53 -2.27 -8.58 3.23
N PRO A 54 -3.21 -8.04 4.09
CA PRO A 54 -3.39 -6.58 4.20
C PRO A 54 -2.20 -5.89 4.91
N VAL A 55 -1.43 -5.10 4.14
CA VAL A 55 -0.43 -4.15 4.65
C VAL A 55 -1.08 -2.77 4.84
N GLN A 56 -0.77 -2.11 5.97
CA GLN A 56 -1.34 -0.80 6.33
C GLN A 56 -0.44 0.33 5.75
N VAL A 57 -1.07 1.25 5.00
CA VAL A 57 -0.41 2.39 4.33
C VAL A 57 -1.25 3.65 4.55
N PHE A 58 -0.59 4.77 4.85
CA PHE A 58 -1.26 6.06 5.12
C PHE A 58 -1.61 6.71 3.78
N TRP A 59 -2.90 6.74 3.45
CA TRP A 59 -3.43 7.33 2.22
C TRP A 59 -3.84 8.78 2.48
N GLN A 60 -3.34 9.70 1.64
CA GLN A 60 -3.75 11.12 1.65
C GLN A 60 -5.21 11.27 1.20
N SER A 61 -5.70 10.27 0.43
CA SER A 61 -7.06 10.21 -0.13
C SER A 61 -8.14 10.22 0.98
N THR A 62 -7.90 9.40 2.01
CA THR A 62 -8.80 9.25 3.17
C THR A 62 -8.20 9.91 4.43
N GLY A 63 -6.93 10.38 4.31
CA GLY A 63 -6.22 11.05 5.40
C GLY A 63 -5.80 10.12 6.54
N ARG A 64 -5.85 8.80 6.30
CA ARG A 64 -5.56 7.78 7.34
C ARG A 64 -5.02 6.49 6.72
N THR A 65 -4.61 5.57 7.60
CA THR A 65 -3.97 4.31 7.23
C THR A 65 -5.06 3.26 6.93
N TYR A 66 -4.90 2.47 5.85
CA TYR A 66 -5.89 1.42 5.50
C TYR A 66 -5.18 0.13 5.06
N TRP A 67 -5.93 -0.96 5.18
CA TRP A 67 -5.50 -2.33 4.89
C TRP A 67 -5.64 -2.63 3.38
N VAL A 68 -4.50 -2.74 2.66
CA VAL A 68 -4.50 -3.06 1.21
C VAL A 68 -3.64 -4.31 0.93
N HIS A 69 -3.92 -4.96 -0.20
CA HIS A 69 -3.27 -6.23 -0.59
C HIS A 69 -1.96 -5.96 -1.35
N TRP A 70 -0.97 -6.86 -1.22
CA TRP A 70 0.37 -6.71 -1.83
C TRP A 70 0.30 -6.66 -3.37
N HIS A 71 -0.52 -7.55 -3.98
CA HIS A 71 -0.62 -7.66 -5.45
C HIS A 71 -1.41 -6.47 -6.05
N MET A 72 -2.06 -5.67 -5.17
CA MET A 72 -2.74 -4.41 -5.56
C MET A 72 -2.04 -3.20 -4.91
N LEU A 73 -0.90 -3.47 -4.24
CA LEU A 73 0.02 -2.44 -3.74
C LEU A 73 1.06 -2.18 -4.82
N GLU A 74 1.11 -0.94 -5.31
CA GLU A 74 2.07 -0.52 -6.34
C GLU A 74 2.90 0.62 -5.78
N ILE A 75 4.23 0.53 -5.83
CA ILE A 75 5.11 1.57 -5.24
C ILE A 75 5.85 2.37 -6.33
N LEU A 76 5.53 3.68 -6.40
CA LEU A 76 6.27 4.65 -7.23
C LEU A 76 7.09 5.54 -6.28
N GLY A 77 8.23 5.00 -5.87
CA GLY A 77 9.14 5.66 -4.94
C GLY A 77 10.59 5.50 -5.39
N TYR A 14 4.49 -10.56 -8.35
CA TYR A 14 4.49 -9.09 -8.15
C TYR A 14 4.21 -8.71 -6.68
N GLY A 15 3.31 -9.48 -6.04
CA GLY A 15 2.98 -9.28 -4.63
C GLY A 15 4.09 -9.73 -3.71
N GLU A 16 4.72 -10.85 -4.06
CA GLU A 16 5.86 -11.42 -3.32
C GLU A 16 7.11 -10.54 -3.49
N TYR A 17 7.18 -9.80 -4.62
CA TYR A 17 8.29 -8.89 -4.93
C TYR A 17 8.20 -7.61 -4.10
N VAL A 18 7.01 -6.97 -4.08
CA VAL A 18 6.78 -5.71 -3.33
C VAL A 18 6.95 -5.96 -1.83
N GLN A 19 6.55 -7.17 -1.37
CA GLN A 19 6.66 -7.61 0.03
C GLN A 19 8.13 -7.49 0.53
N GLN A 20 9.10 -7.66 -0.40
CA GLN A 20 10.54 -7.66 -0.06
C GLN A 20 11.12 -6.23 -0.12
N THR A 21 10.76 -5.49 -1.19
CA THR A 21 11.38 -4.17 -1.49
C THR A 21 10.72 -3.00 -0.71
N LEU A 22 9.51 -3.21 -0.17
CA LEU A 22 8.75 -2.14 0.56
C LEU A 22 9.47 -1.73 1.88
N GLN A 23 9.87 -0.45 1.96
CA GLN A 23 10.64 0.12 3.10
C GLN A 23 9.76 1.10 3.90
N PRO A 24 9.86 1.12 5.27
CA PRO A 24 9.01 1.98 6.14
C PRO A 24 9.32 3.48 5.95
N GLY A 25 8.68 4.09 4.94
CA GLY A 25 8.83 5.50 4.63
C GLY A 25 8.88 5.77 3.14
N MET A 26 8.71 4.72 2.29
CA MET A 26 8.75 4.86 0.83
C MET A 26 7.37 5.24 0.28
N ARG A 27 7.36 5.61 -1.00
CA ARG A 27 6.24 6.23 -1.69
C ARG A 27 5.48 5.17 -2.52
N VAL A 28 4.16 5.01 -2.26
CA VAL A 28 3.31 3.97 -2.88
C VAL A 28 2.17 4.60 -3.70
N ARG A 29 1.40 3.74 -4.39
CA ARG A 29 0.37 4.12 -5.36
C ARG A 29 -0.72 3.01 -5.34
N MET A 30 -2.00 3.42 -5.43
CA MET A 30 -3.16 2.50 -5.47
C MET A 30 -3.56 2.23 -6.93
N LEU A 31 -3.39 0.99 -7.40
CA LEU A 31 -3.76 0.60 -8.77
C LEU A 31 -5.15 -0.08 -8.82
N ASP A 32 -5.83 -0.14 -7.68
CA ASP A 32 -7.07 -0.93 -7.50
C ASP A 32 -8.15 -0.08 -6.81
N ASP A 33 -9.42 -0.50 -6.91
CA ASP A 33 -10.57 0.20 -6.29
C ASP A 33 -10.78 -0.31 -4.85
N TYR A 34 -10.74 0.61 -3.88
CA TYR A 34 -10.85 0.27 -2.44
C TYR A 34 -12.04 0.97 -1.76
N GLU A 35 -12.28 0.53 -0.51
CA GLU A 35 -13.41 0.97 0.34
C GLU A 35 -13.47 2.51 0.48
N GLU A 36 -12.31 3.11 0.80
CA GLU A 36 -12.19 4.57 1.03
C GLU A 36 -11.03 5.17 0.19
N ILE A 37 -10.36 4.32 -0.60
CA ILE A 37 -9.28 4.75 -1.53
C ILE A 37 -9.70 4.41 -2.97
N SER A 38 -9.33 5.26 -3.93
CA SER A 38 -9.61 5.02 -5.35
C SER A 38 -8.30 4.75 -6.11
N ALA A 39 -8.39 4.05 -7.26
CA ALA A 39 -7.26 3.85 -8.16
C ALA A 39 -6.82 5.21 -8.73
N GLY A 40 -5.59 5.62 -8.41
CA GLY A 40 -5.07 6.96 -8.76
C GLY A 40 -4.55 7.70 -7.53
N ASP A 41 -5.07 7.33 -6.34
CA ASP A 41 -4.60 7.86 -5.04
C ASP A 41 -3.29 7.21 -4.64
N GLU A 42 -2.52 7.93 -3.81
CA GLU A 42 -1.13 7.58 -3.47
C GLU A 42 -0.90 7.71 -1.96
N GLY A 43 0.10 6.97 -1.45
CA GLY A 43 0.32 6.83 -0.01
C GLY A 43 1.78 6.67 0.35
N GLU A 44 2.03 6.24 1.60
CA GLU A 44 3.38 5.93 2.10
C GLU A 44 3.34 4.63 2.91
N PHE A 45 4.35 3.76 2.70
CA PHE A 45 4.49 2.49 3.44
C PHE A 45 4.90 2.78 4.90
N ARG A 46 4.11 2.26 5.85
CA ARG A 46 4.29 2.57 7.28
C ARG A 46 4.82 1.34 8.04
N GLN A 47 4.15 0.18 7.80
CA GLN A 47 4.46 -1.11 8.46
C GLN A 47 3.77 -2.24 7.69
N SER A 48 4.14 -3.49 8.01
CA SER A 48 3.71 -4.68 7.26
C SER A 48 3.34 -5.84 8.18
N ASN A 49 2.68 -6.84 7.61
CA ASN A 49 2.40 -8.12 8.27
C ASN A 49 3.20 -9.22 7.58
N ASN A 50 3.84 -10.08 8.39
CA ASN A 50 4.79 -11.10 7.93
C ASN A 50 4.07 -12.39 7.48
N GLY A 51 2.75 -12.44 7.69
CA GLY A 51 1.92 -13.59 7.30
C GLY A 51 0.56 -13.19 6.75
N ILE A 52 0.09 -11.97 7.08
CA ILE A 52 -1.26 -11.50 6.72
C ILE A 52 -1.16 -10.62 5.45
N PRO A 53 -1.80 -11.01 4.30
CA PRO A 53 -1.64 -10.28 3.02
C PRO A 53 -2.09 -8.76 2.97
N PRO A 54 -3.11 -8.25 3.74
CA PRO A 54 -3.37 -6.79 3.83
C PRO A 54 -2.27 -6.05 4.64
N VAL A 55 -1.43 -5.29 3.91
CA VAL A 55 -0.43 -4.36 4.48
C VAL A 55 -1.03 -2.94 4.65
N GLN A 56 -0.64 -2.24 5.73
CA GLN A 56 -1.17 -0.91 6.06
C GLN A 56 -0.25 0.19 5.48
N VAL A 57 -0.88 1.17 4.81
CA VAL A 57 -0.23 2.32 4.13
C VAL A 57 -1.08 3.56 4.39
N PHE A 58 -0.42 4.69 4.68
CA PHE A 58 -1.12 5.95 5.00
C PHE A 58 -1.53 6.63 3.70
N TRP A 59 -2.83 6.63 3.43
CA TRP A 59 -3.43 7.26 2.27
C TRP A 59 -3.86 8.67 2.62
N GLN A 60 -3.26 9.66 1.94
CA GLN A 60 -3.61 11.09 2.05
C GLN A 60 -5.07 11.34 1.62
N SER A 61 -5.58 10.46 0.73
CA SER A 61 -6.94 10.53 0.17
C SER A 61 -8.02 10.47 1.25
N THR A 62 -7.84 9.53 2.19
CA THR A 62 -8.77 9.28 3.30
C THR A 62 -8.21 9.81 4.64
N GLY A 63 -6.92 10.21 4.61
CA GLY A 63 -6.26 10.82 5.78
C GLY A 63 -5.84 9.80 6.85
N ARG A 64 -5.78 8.51 6.47
CA ARG A 64 -5.52 7.41 7.44
C ARG A 64 -4.88 6.20 6.77
N THR A 65 -4.33 5.32 7.62
CA THR A 65 -3.61 4.12 7.22
C THR A 65 -4.61 2.96 7.05
N TYR A 66 -4.67 2.37 5.84
CA TYR A 66 -5.68 1.35 5.51
C TYR A 66 -5.02 0.09 4.94
N TRP A 67 -5.75 -1.03 5.06
CA TRP A 67 -5.30 -2.37 4.73
C TRP A 67 -5.49 -2.63 3.21
N VAL A 68 -4.37 -2.85 2.49
CA VAL A 68 -4.37 -3.13 1.03
C VAL A 68 -3.53 -4.38 0.75
N HIS A 69 -3.76 -5.03 -0.40
CA HIS A 69 -3.07 -6.28 -0.78
C HIS A 69 -1.74 -5.96 -1.49
N TRP A 70 -0.72 -6.84 -1.29
CA TRP A 70 0.63 -6.69 -1.87
C TRP A 70 0.58 -6.57 -3.42
N HIS A 71 -0.13 -7.53 -4.05
CA HIS A 71 -0.23 -7.63 -5.54
C HIS A 71 -1.12 -6.51 -6.13
N MET A 72 -1.68 -5.66 -5.27
CA MET A 72 -2.58 -4.56 -5.64
C MET A 72 -2.00 -3.21 -5.18
N LEU A 73 -0.69 -3.21 -4.82
CA LEU A 73 0.02 -2.01 -4.35
C LEU A 73 1.26 -1.78 -5.25
N GLU A 74 1.34 -0.57 -5.85
CA GLU A 74 2.44 -0.16 -6.73
C GLU A 74 3.35 0.84 -6.00
N ILE A 75 4.68 0.76 -6.25
CA ILE A 75 5.65 1.68 -5.62
C ILE A 75 6.33 2.58 -6.67
N LEU A 76 6.32 3.90 -6.40
CA LEU A 76 7.05 4.92 -7.19
C LEU A 76 8.16 5.57 -6.33
N GLY A 77 8.35 5.03 -5.10
CA GLY A 77 9.41 5.49 -4.20
C GLY A 77 10.81 5.17 -4.72
N TYR A 14 3.53 -10.23 -8.14
CA TYR A 14 3.71 -8.78 -7.97
C TYR A 14 3.60 -8.37 -6.48
N GLY A 15 2.70 -9.05 -5.76
CA GLY A 15 2.50 -8.80 -4.33
C GLY A 15 3.69 -9.23 -3.50
N GLU A 16 4.27 -10.35 -3.91
CA GLU A 16 5.45 -10.91 -3.26
C GLU A 16 6.69 -10.05 -3.58
N TYR A 17 6.68 -9.44 -4.79
CA TYR A 17 7.77 -8.56 -5.25
C TYR A 17 7.81 -7.28 -4.40
N VAL A 18 6.65 -6.60 -4.26
CA VAL A 18 6.55 -5.34 -3.51
C VAL A 18 6.90 -5.58 -2.03
N GLN A 19 6.49 -6.76 -1.51
CA GLN A 19 6.76 -7.18 -0.11
C GLN A 19 8.27 -7.13 0.21
N GLN A 20 9.11 -7.43 -0.81
CA GLN A 20 10.58 -7.52 -0.64
C GLN A 20 11.25 -6.13 -0.76
N THR A 21 10.70 -5.30 -1.67
CA THR A 21 11.30 -4.00 -2.04
C THR A 21 10.56 -2.81 -1.38
N LEU A 22 9.57 -3.09 -0.52
CA LEU A 22 8.85 -2.04 0.27
C LEU A 22 9.76 -1.57 1.43
N GLN A 23 10.27 -0.34 1.30
CA GLN A 23 11.15 0.27 2.31
C GLN A 23 10.27 0.95 3.38
N PRO A 24 10.53 0.71 4.72
CA PRO A 24 9.70 1.27 5.83
C PRO A 24 9.69 2.81 5.87
N GLY A 25 8.81 3.41 5.03
CA GLY A 25 8.65 4.87 4.95
C GLY A 25 8.71 5.35 3.51
N MET A 26 8.52 4.43 2.55
CA MET A 26 8.66 4.74 1.10
C MET A 26 7.31 5.16 0.50
N ARG A 27 7.38 5.58 -0.75
CA ARG A 27 6.29 6.23 -1.47
C ARG A 27 5.52 5.20 -2.31
N VAL A 28 4.18 5.24 -2.19
CA VAL A 28 3.27 4.20 -2.68
C VAL A 28 2.24 4.79 -3.69
N ARG A 29 1.75 3.91 -4.59
CA ARG A 29 0.61 4.16 -5.49
C ARG A 29 -0.39 2.97 -5.35
N MET A 30 -1.69 3.24 -5.49
CA MET A 30 -2.74 2.20 -5.60
C MET A 30 -3.08 2.00 -7.08
N LEU A 31 -3.09 0.74 -7.55
CA LEU A 31 -3.32 0.40 -8.96
C LEU A 31 -4.72 -0.22 -9.21
N ASP A 32 -5.54 -0.34 -8.14
CA ASP A 32 -6.90 -0.95 -8.23
C ASP A 32 -7.90 -0.16 -7.35
N ASP A 33 -9.20 -0.49 -7.45
CA ASP A 33 -10.24 0.18 -6.64
C ASP A 33 -10.34 -0.48 -5.24
N TYR A 34 -10.54 0.35 -4.21
CA TYR A 34 -10.66 -0.07 -2.80
C TYR A 34 -11.87 0.59 -2.14
N GLU A 35 -12.15 0.16 -0.90
CA GLU A 35 -13.27 0.63 -0.05
C GLU A 35 -13.32 2.17 0.06
N GLU A 36 -12.14 2.79 0.27
CA GLU A 36 -12.02 4.24 0.50
C GLU A 36 -10.81 4.83 -0.26
N ILE A 37 -10.13 3.99 -1.07
CA ILE A 37 -9.04 4.41 -1.96
C ILE A 37 -9.45 4.08 -3.41
N SER A 38 -9.05 4.91 -4.37
CA SER A 38 -9.29 4.66 -5.80
C SER A 38 -7.94 4.40 -6.52
N ALA A 39 -8.02 3.82 -7.73
CA ALA A 39 -6.85 3.63 -8.60
C ALA A 39 -6.29 5.00 -9.03
N GLY A 40 -5.04 5.27 -8.66
CA GLY A 40 -4.38 6.55 -8.95
C GLY A 40 -4.13 7.39 -7.70
N ASP A 41 -4.52 6.87 -6.52
CA ASP A 41 -4.23 7.52 -5.23
C ASP A 41 -2.88 7.05 -4.69
N GLU A 42 -2.29 7.89 -3.82
CA GLU A 42 -0.91 7.75 -3.37
C GLU A 42 -0.85 7.67 -1.84
N GLY A 43 0.14 6.92 -1.34
CA GLY A 43 0.29 6.65 0.09
C GLY A 43 1.74 6.56 0.51
N GLU A 44 1.96 6.12 1.75
CA GLU A 44 3.30 5.82 2.26
C GLU A 44 3.23 4.49 3.01
N PHE A 45 4.24 3.64 2.80
CA PHE A 45 4.39 2.37 3.55
C PHE A 45 4.93 2.70 4.94
N ARG A 46 4.18 2.36 5.99
CA ARG A 46 4.55 2.72 7.39
C ARG A 46 5.07 1.46 8.11
N GLN A 47 4.30 0.36 7.97
CA GLN A 47 4.57 -0.92 8.64
C GLN A 47 4.00 -2.07 7.81
N SER A 48 4.52 -3.28 8.05
CA SER A 48 4.14 -4.50 7.34
C SER A 48 3.50 -5.50 8.29
N ASN A 49 3.03 -6.61 7.71
CA ASN A 49 2.41 -7.71 8.44
C ASN A 49 3.08 -9.03 8.01
N ASN A 50 3.49 -9.82 9.02
CA ASN A 50 4.20 -11.10 8.80
C ASN A 50 3.25 -12.22 8.32
N GLY A 51 1.97 -12.12 8.73
CA GLY A 51 0.97 -13.15 8.44
C GLY A 51 -0.37 -12.61 7.98
N ILE A 52 -0.51 -11.27 7.87
CA ILE A 52 -1.77 -10.62 7.45
C ILE A 52 -1.57 -10.00 6.04
N PRO A 53 -2.09 -10.63 4.94
CA PRO A 53 -1.91 -10.10 3.57
C PRO A 53 -2.38 -8.62 3.32
N PRO A 54 -3.52 -8.09 3.91
CA PRO A 54 -3.80 -6.64 3.84
C PRO A 54 -2.87 -5.80 4.78
N VAL A 55 -1.81 -5.24 4.16
CA VAL A 55 -0.79 -4.39 4.82
C VAL A 55 -1.27 -2.92 4.96
N GLN A 56 -0.79 -2.23 6.01
CA GLN A 56 -1.21 -0.86 6.34
C GLN A 56 -0.31 0.18 5.65
N VAL A 57 -0.95 1.11 4.93
CA VAL A 57 -0.30 2.22 4.21
C VAL A 57 -1.14 3.48 4.45
N PHE A 58 -0.47 4.60 4.77
CA PHE A 58 -1.15 5.88 5.05
C PHE A 58 -1.50 6.56 3.73
N TRP A 59 -2.80 6.55 3.41
CA TRP A 59 -3.33 7.17 2.20
C TRP A 59 -3.76 8.60 2.50
N GLN A 60 -3.20 9.55 1.75
CA GLN A 60 -3.59 10.97 1.84
C GLN A 60 -5.06 11.17 1.40
N SER A 61 -5.52 10.28 0.50
CA SER A 61 -6.86 10.35 -0.12
C SER A 61 -7.99 10.23 0.92
N THR A 62 -7.84 9.24 1.82
CA THR A 62 -8.81 8.97 2.89
C THR A 62 -8.35 9.59 4.22
N GLY A 63 -7.05 9.99 4.27
CA GLY A 63 -6.47 10.69 5.44
C GLY A 63 -6.07 9.75 6.57
N ARG A 64 -5.94 8.44 6.28
CA ARG A 64 -5.70 7.41 7.30
C ARG A 64 -4.95 6.21 6.71
N THR A 65 -4.43 5.37 7.63
CA THR A 65 -3.68 4.17 7.29
C THR A 65 -4.67 3.02 7.12
N TYR A 66 -4.78 2.47 5.90
CA TYR A 66 -5.80 1.46 5.59
C TYR A 66 -5.14 0.21 5.02
N TRP A 67 -5.84 -0.91 5.22
CA TRP A 67 -5.38 -2.26 4.91
C TRP A 67 -5.64 -2.55 3.42
N VAL A 68 -4.56 -2.77 2.66
CA VAL A 68 -4.62 -3.10 1.23
C VAL A 68 -3.72 -4.32 0.98
N HIS A 69 -4.06 -5.16 -0.02
CA HIS A 69 -3.26 -6.35 -0.33
C HIS A 69 -2.00 -5.92 -1.10
N TRP A 70 -0.92 -6.67 -0.88
CA TRP A 70 0.40 -6.42 -1.50
C TRP A 70 0.30 -6.32 -3.05
N HIS A 71 -0.56 -7.17 -3.66
CA HIS A 71 -0.70 -7.24 -5.13
C HIS A 71 -1.33 -5.97 -5.73
N MET A 72 -2.17 -5.27 -4.95
CA MET A 72 -2.78 -3.99 -5.38
C MET A 72 -1.97 -2.78 -4.87
N LEU A 73 -0.95 -3.05 -4.03
CA LEU A 73 -0.02 -2.03 -3.55
C LEU A 73 1.14 -1.97 -4.55
N GLU A 74 1.34 -0.77 -5.11
CA GLU A 74 2.46 -0.46 -6.00
C GLU A 74 3.43 0.49 -5.28
N ILE A 75 4.72 0.41 -5.60
CA ILE A 75 5.71 1.40 -5.14
C ILE A 75 5.98 2.39 -6.28
N LEU A 76 5.80 3.68 -5.99
CA LEU A 76 5.96 4.77 -6.97
C LEU A 76 7.36 5.37 -6.81
N GLY A 77 7.63 5.89 -5.61
CA GLY A 77 8.81 6.72 -5.34
C GLY A 77 10.13 5.96 -5.47
N TYR A 14 4.18 -10.86 -7.87
CA TYR A 14 4.36 -9.39 -7.71
C TYR A 14 4.11 -8.94 -6.25
N GLY A 15 3.19 -9.64 -5.58
CA GLY A 15 2.88 -9.37 -4.17
C GLY A 15 4.00 -9.75 -3.23
N GLU A 16 4.66 -10.87 -3.54
CA GLU A 16 5.83 -11.35 -2.81
C GLU A 16 7.04 -10.42 -3.08
N TYR A 17 7.11 -9.88 -4.31
CA TYR A 17 8.22 -9.01 -4.75
C TYR A 17 8.18 -7.64 -4.03
N VAL A 18 6.99 -6.99 -4.04
CA VAL A 18 6.81 -5.65 -3.42
C VAL A 18 7.15 -5.69 -1.93
N GLN A 19 6.78 -6.81 -1.27
CA GLN A 19 7.02 -7.04 0.16
C GLN A 19 8.51 -6.87 0.54
N GLN A 20 9.39 -7.26 -0.40
CA GLN A 20 10.85 -7.27 -0.19
C GLN A 20 11.44 -5.88 -0.41
N THR A 21 10.96 -5.20 -1.47
CA THR A 21 11.48 -3.89 -1.92
C THR A 21 10.72 -2.70 -1.28
N LEU A 22 9.73 -2.98 -0.38
CA LEU A 22 8.95 -1.93 0.33
C LEU A 22 9.83 -1.28 1.45
N GLN A 23 10.02 0.06 1.39
CA GLN A 23 10.82 0.83 2.37
C GLN A 23 9.90 1.61 3.34
N PRO A 24 10.14 1.54 4.69
CA PRO A 24 9.35 2.33 5.69
C PRO A 24 9.61 3.84 5.54
N GLY A 25 8.78 4.49 4.69
CA GLY A 25 8.89 5.92 4.43
C GLY A 25 8.82 6.25 2.95
N MET A 26 8.80 5.22 2.09
CA MET A 26 8.58 5.40 0.64
C MET A 26 7.09 5.56 0.40
N ARG A 27 6.74 6.26 -0.67
CA ARG A 27 5.37 6.44 -1.07
C ARG A 27 4.93 5.25 -1.91
N VAL A 28 3.63 5.10 -2.06
CA VAL A 28 3.01 4.01 -2.81
C VAL A 28 1.93 4.62 -3.70
N ARG A 29 1.38 3.80 -4.59
CA ARG A 29 0.30 4.19 -5.52
C ARG A 29 -0.72 3.04 -5.54
N MET A 30 -2.02 3.41 -5.54
CA MET A 30 -3.15 2.48 -5.53
C MET A 30 -3.47 2.08 -6.98
N LEU A 31 -3.21 0.81 -7.36
CA LEU A 31 -3.46 0.32 -8.74
C LEU A 31 -4.88 -0.26 -8.88
N ASP A 32 -5.53 -0.55 -7.74
CA ASP A 32 -6.86 -1.19 -7.68
C ASP A 32 -7.81 -0.33 -6.85
N ASP A 33 -9.11 -0.40 -7.14
CA ASP A 33 -10.12 0.42 -6.45
C ASP A 33 -10.48 -0.21 -5.09
N TYR A 34 -10.24 0.54 -4.01
CA TYR A 34 -10.52 0.13 -2.61
C TYR A 34 -11.73 0.87 -2.05
N GLU A 35 -12.13 0.43 -0.83
CA GLU A 35 -13.32 0.91 -0.10
C GLU A 35 -13.41 2.46 -0.05
N GLU A 36 -12.37 3.09 0.50
CA GLU A 36 -12.29 4.56 0.69
C GLU A 36 -11.06 5.14 -0.02
N ILE A 37 -10.34 4.30 -0.77
CA ILE A 37 -9.20 4.72 -1.62
C ILE A 37 -9.52 4.35 -3.07
N SER A 38 -9.32 5.27 -4.02
CA SER A 38 -9.55 5.01 -5.46
C SER A 38 -8.20 4.71 -6.14
N ALA A 39 -8.26 3.99 -7.27
CA ALA A 39 -7.07 3.72 -8.10
C ALA A 39 -6.56 5.04 -8.72
N GLY A 40 -5.34 5.44 -8.33
CA GLY A 40 -4.78 6.75 -8.71
C GLY A 40 -4.18 7.47 -7.50
N ASP A 41 -4.73 7.19 -6.31
CA ASP A 41 -4.31 7.82 -5.04
C ASP A 41 -2.97 7.26 -4.56
N GLU A 42 -2.28 8.05 -3.73
CA GLU A 42 -0.95 7.71 -3.18
C GLU A 42 -1.00 7.55 -1.66
N GLY A 43 -0.07 6.74 -1.15
CA GLY A 43 0.08 6.46 0.27
C GLY A 43 1.53 6.49 0.68
N GLU A 44 1.83 6.06 1.91
CA GLU A 44 3.21 5.84 2.37
C GLU A 44 3.26 4.56 3.19
N PHE A 45 4.33 3.79 3.04
CA PHE A 45 4.53 2.54 3.76
C PHE A 45 4.96 2.81 5.20
N ARG A 46 4.16 2.29 6.16
CA ARG A 46 4.36 2.56 7.60
C ARG A 46 4.87 1.29 8.31
N GLN A 47 4.20 0.16 8.03
CA GLN A 47 4.50 -1.16 8.63
C GLN A 47 3.94 -2.27 7.75
N SER A 48 4.45 -3.49 7.94
CA SER A 48 4.09 -4.67 7.14
C SER A 48 3.74 -5.87 8.00
N ASN A 49 3.24 -6.89 7.32
CA ASN A 49 2.79 -8.14 7.91
C ASN A 49 3.05 -9.27 6.88
N ASN A 50 3.89 -10.25 7.28
CA ASN A 50 4.36 -11.33 6.39
C ASN A 50 3.31 -12.47 6.32
N GLY A 51 2.58 -12.63 7.43
CA GLY A 51 1.52 -13.65 7.55
C GLY A 51 0.14 -13.10 7.20
N ILE A 52 -0.04 -11.77 7.32
CA ILE A 52 -1.34 -11.10 7.01
C ILE A 52 -1.23 -10.41 5.63
N PRO A 53 -1.99 -10.89 4.59
CA PRO A 53 -1.90 -10.33 3.22
C PRO A 53 -2.33 -8.82 3.01
N PRO A 54 -3.29 -8.18 3.77
CA PRO A 54 -3.48 -6.72 3.70
C PRO A 54 -2.43 -5.96 4.56
N VAL A 55 -1.49 -5.28 3.87
CA VAL A 55 -0.50 -4.37 4.49
C VAL A 55 -1.14 -2.98 4.75
N GLN A 56 -0.71 -2.32 5.85
CA GLN A 56 -1.22 -1.00 6.22
C GLN A 56 -0.29 0.10 5.64
N VAL A 57 -0.91 1.06 4.93
CA VAL A 57 -0.24 2.21 4.26
C VAL A 57 -1.10 3.46 4.49
N PHE A 58 -0.47 4.58 4.85
CA PHE A 58 -1.18 5.85 5.17
C PHE A 58 -1.54 6.55 3.86
N TRP A 59 -2.83 6.51 3.52
CA TRP A 59 -3.36 7.13 2.30
C TRP A 59 -3.78 8.56 2.59
N GLN A 60 -3.21 9.49 1.83
CA GLN A 60 -3.54 10.93 1.88
C GLN A 60 -5.01 11.18 1.48
N SER A 61 -5.56 10.29 0.64
CA SER A 61 -6.92 10.38 0.10
C SER A 61 -7.99 10.30 1.20
N THR A 62 -7.79 9.33 2.13
CA THR A 62 -8.71 9.08 3.25
C THR A 62 -8.13 9.59 4.58
N GLY A 63 -6.87 10.07 4.55
CA GLY A 63 -6.20 10.69 5.70
C GLY A 63 -5.77 9.70 6.79
N ARG A 64 -5.73 8.40 6.45
CA ARG A 64 -5.48 7.33 7.43
C ARG A 64 -4.83 6.10 6.79
N THR A 65 -4.32 5.22 7.67
CA THR A 65 -3.60 4.01 7.31
C THR A 65 -4.61 2.87 7.11
N TYR A 66 -4.68 2.31 5.89
CA TYR A 66 -5.73 1.35 5.52
C TYR A 66 -5.12 0.05 4.97
N TRP A 67 -5.91 -1.01 5.07
CA TRP A 67 -5.53 -2.40 4.76
C TRP A 67 -5.69 -2.64 3.25
N VAL A 68 -4.57 -2.82 2.53
CA VAL A 68 -4.56 -3.12 1.08
C VAL A 68 -3.67 -4.33 0.78
N HIS A 69 -4.00 -5.10 -0.27
CA HIS A 69 -3.29 -6.33 -0.63
C HIS A 69 -1.96 -6.01 -1.35
N TRP A 70 -0.92 -6.84 -1.13
CA TRP A 70 0.44 -6.63 -1.69
C TRP A 70 0.43 -6.62 -3.23
N HIS A 71 -0.26 -7.60 -3.84
CA HIS A 71 -0.33 -7.76 -5.32
C HIS A 71 -1.14 -6.60 -5.96
N MET A 72 -1.98 -5.96 -5.14
CA MET A 72 -2.85 -4.84 -5.53
C MET A 72 -2.25 -3.50 -5.05
N LEU A 73 -0.98 -3.53 -4.63
CA LEU A 73 -0.24 -2.37 -4.15
C LEU A 73 0.95 -2.13 -5.09
N GLU A 74 1.04 -0.90 -5.61
CA GLU A 74 2.17 -0.43 -6.43
C GLU A 74 3.00 0.52 -5.56
N ILE A 75 4.31 0.60 -5.84
CA ILE A 75 5.24 1.50 -5.17
C ILE A 75 5.71 2.59 -6.16
N LEU A 76 5.37 3.86 -5.86
CA LEU A 76 5.78 5.01 -6.67
C LEU A 76 6.99 5.74 -6.01
N GLY A 77 7.42 5.21 -4.84
CA GLY A 77 8.61 5.68 -4.13
C GLY A 77 9.92 5.44 -4.88
N TYR A 14 3.75 -10.28 -8.39
CA TYR A 14 3.98 -8.84 -8.21
C TYR A 14 3.86 -8.43 -6.72
N GLY A 15 2.92 -9.08 -6.01
CA GLY A 15 2.68 -8.79 -4.60
C GLY A 15 3.84 -9.19 -3.71
N GLU A 16 4.47 -10.28 -4.10
CA GLU A 16 5.63 -10.81 -3.44
C GLU A 16 6.84 -9.90 -3.70
N TYR A 17 6.95 -9.42 -4.96
CA TYR A 17 8.05 -8.51 -5.38
C TYR A 17 8.02 -7.22 -4.55
N VAL A 18 6.82 -6.56 -4.47
CA VAL A 18 6.69 -5.28 -3.77
C VAL A 18 7.00 -5.48 -2.28
N GLN A 19 6.53 -6.61 -1.73
CA GLN A 19 6.72 -6.95 -0.32
C GLN A 19 8.22 -7.01 0.03
N GLN A 20 9.02 -7.71 -0.81
CA GLN A 20 10.45 -7.94 -0.54
C GLN A 20 11.23 -6.60 -0.56
N THR A 21 10.96 -5.77 -1.59
CA THR A 21 11.68 -4.49 -1.82
C THR A 21 10.94 -3.30 -1.17
N LEU A 22 9.96 -3.57 -0.29
CA LEU A 22 9.19 -2.52 0.42
C LEU A 22 10.08 -1.80 1.46
N GLN A 23 10.35 -0.51 1.23
CA GLN A 23 11.22 0.31 2.09
C GLN A 23 10.43 0.94 3.26
N PRO A 24 10.98 0.95 4.52
CA PRO A 24 10.34 1.57 5.70
C PRO A 24 10.12 3.10 5.55
N GLY A 25 8.97 3.48 4.96
CA GLY A 25 8.55 4.88 4.87
C GLY A 25 8.71 5.38 3.45
N MET A 26 8.34 4.51 2.50
CA MET A 26 8.46 4.79 1.07
C MET A 26 7.13 5.25 0.49
N ARG A 27 7.17 5.57 -0.80
CA ARG A 27 6.05 6.10 -1.58
C ARG A 27 5.39 4.94 -2.32
N VAL A 28 4.08 4.74 -2.08
CA VAL A 28 3.28 3.70 -2.74
C VAL A 28 2.17 4.36 -3.58
N ARG A 29 1.48 3.54 -4.36
CA ARG A 29 0.43 3.95 -5.31
C ARG A 29 -0.66 2.87 -5.30
N MET A 30 -1.93 3.28 -5.41
CA MET A 30 -3.06 2.35 -5.45
C MET A 30 -3.32 1.93 -6.91
N LEU A 31 -3.34 0.61 -7.21
CA LEU A 31 -3.62 0.09 -8.56
C LEU A 31 -5.03 -0.49 -8.65
N ASP A 32 -5.72 -0.65 -7.50
CA ASP A 32 -7.05 -1.28 -7.41
C ASP A 32 -8.04 -0.33 -6.72
N ASP A 33 -9.34 -0.53 -6.99
CA ASP A 33 -10.42 0.32 -6.45
C ASP A 33 -10.85 -0.22 -5.08
N TYR A 34 -10.73 0.63 -4.05
CA TYR A 34 -11.00 0.28 -2.64
C TYR A 34 -12.26 0.98 -2.11
N GLU A 35 -12.62 0.59 -0.87
CA GLU A 35 -13.77 1.12 -0.12
C GLU A 35 -13.78 2.67 -0.08
N GLU A 36 -12.62 3.21 0.35
CA GLU A 36 -12.42 4.66 0.58
C GLU A 36 -11.34 5.24 -0.36
N ILE A 37 -10.51 4.35 -0.90
CA ILE A 37 -9.36 4.70 -1.77
C ILE A 37 -9.72 4.38 -3.23
N SER A 38 -9.23 5.17 -4.18
CA SER A 38 -9.43 4.93 -5.62
C SER A 38 -8.09 4.53 -6.26
N ALA A 39 -8.12 3.74 -7.35
CA ALA A 39 -6.91 3.40 -8.10
C ALA A 39 -6.34 4.67 -8.75
N GLY A 40 -5.16 5.12 -8.29
CA GLY A 40 -4.52 6.34 -8.79
C GLY A 40 -3.89 7.20 -7.70
N ASP A 41 -4.43 7.14 -6.45
CA ASP A 41 -3.91 7.97 -5.33
C ASP A 41 -2.81 7.25 -4.55
N GLU A 42 -2.02 8.04 -3.81
CA GLU A 42 -0.73 7.61 -3.24
C GLU A 42 -0.80 7.46 -1.72
N GLY A 43 0.16 6.69 -1.19
CA GLY A 43 0.28 6.44 0.24
C GLY A 43 1.73 6.41 0.67
N GLU A 44 1.95 6.12 1.95
CA GLU A 44 3.29 5.93 2.51
C GLU A 44 3.30 4.67 3.36
N PHE A 45 4.39 3.89 3.29
CA PHE A 45 4.54 2.66 4.06
C PHE A 45 4.80 3.00 5.53
N ARG A 46 3.92 2.49 6.42
CA ARG A 46 4.01 2.78 7.86
C ARG A 46 4.48 1.51 8.60
N GLN A 47 3.84 0.38 8.27
CA GLN A 47 4.15 -0.94 8.85
C GLN A 47 3.48 -2.05 8.01
N SER A 48 4.10 -3.24 8.01
CA SER A 48 3.63 -4.41 7.25
C SER A 48 3.29 -5.57 8.19
N ASN A 49 2.82 -6.66 7.59
CA ASN A 49 2.65 -7.96 8.25
C ASN A 49 3.33 -9.01 7.34
N ASN A 50 4.32 -9.73 7.88
CA ASN A 50 5.24 -10.58 7.08
C ASN A 50 4.49 -11.74 6.39
N GLY A 51 3.54 -12.36 7.11
CA GLY A 51 2.79 -13.53 6.62
C GLY A 51 1.30 -13.29 6.58
N ILE A 52 0.89 -12.03 6.72
CA ILE A 52 -0.52 -11.60 6.62
C ILE A 52 -0.59 -10.54 5.49
N PRO A 53 -1.22 -10.86 4.32
CA PRO A 53 -1.17 -9.98 3.12
C PRO A 53 -1.74 -8.51 3.22
N PRO A 54 -2.74 -8.15 4.09
CA PRO A 54 -3.12 -6.73 4.27
C PRO A 54 -2.00 -5.93 5.01
N VAL A 55 -1.28 -5.10 4.24
CA VAL A 55 -0.34 -4.08 4.75
C VAL A 55 -1.08 -2.76 4.99
N GLN A 56 -0.77 -2.09 6.11
CA GLN A 56 -1.36 -0.79 6.46
C GLN A 56 -0.45 0.35 5.93
N VAL A 57 -1.05 1.23 5.13
CA VAL A 57 -0.38 2.38 4.49
C VAL A 57 -1.28 3.62 4.66
N PHE A 58 -0.64 4.78 4.89
CA PHE A 58 -1.35 6.06 5.11
C PHE A 58 -1.66 6.69 3.74
N TRP A 59 -2.93 6.67 3.36
CA TRP A 59 -3.42 7.24 2.09
C TRP A 59 -3.84 8.70 2.30
N GLN A 60 -3.30 9.59 1.47
CA GLN A 60 -3.59 11.04 1.52
C GLN A 60 -5.04 11.34 1.06
N SER A 61 -5.64 10.41 0.29
CA SER A 61 -7.03 10.53 -0.19
C SER A 61 -8.04 10.48 0.98
N THR A 62 -7.87 9.51 1.90
CA THR A 62 -8.76 9.27 3.04
C THR A 62 -8.20 9.95 4.32
N GLY A 63 -6.91 10.30 4.28
CA GLY A 63 -6.24 10.98 5.39
C GLY A 63 -5.85 10.07 6.54
N ARG A 64 -5.84 8.73 6.30
CA ARG A 64 -5.60 7.74 7.37
C ARG A 64 -4.96 6.46 6.79
N THR A 65 -4.63 5.54 7.71
CA THR A 65 -4.06 4.23 7.38
C THR A 65 -5.18 3.23 7.08
N TYR A 66 -5.01 2.39 6.05
CA TYR A 66 -6.00 1.36 5.68
C TYR A 66 -5.31 0.05 5.25
N TRP A 67 -6.07 -1.05 5.37
CA TRP A 67 -5.62 -2.42 5.07
C TRP A 67 -5.74 -2.70 3.57
N VAL A 68 -4.59 -2.72 2.86
CA VAL A 68 -4.54 -3.02 1.41
C VAL A 68 -3.66 -4.26 1.16
N HIS A 69 -3.87 -4.94 0.03
CA HIS A 69 -3.17 -6.18 -0.34
C HIS A 69 -1.88 -5.84 -1.12
N TRP A 70 -0.82 -6.66 -0.95
CA TRP A 70 0.50 -6.45 -1.61
C TRP A 70 0.39 -6.40 -3.15
N HIS A 71 -0.32 -7.37 -3.73
CA HIS A 71 -0.49 -7.49 -5.20
C HIS A 71 -1.38 -6.37 -5.76
N MET A 72 -2.18 -5.77 -4.87
CA MET A 72 -3.07 -4.64 -5.20
C MET A 72 -2.43 -3.29 -4.77
N LEU A 73 -1.22 -3.36 -4.20
CA LEU A 73 -0.37 -2.20 -3.90
C LEU A 73 0.75 -2.13 -4.94
N GLU A 74 0.94 -0.94 -5.52
CA GLU A 74 2.04 -0.63 -6.44
C GLU A 74 3.05 0.27 -5.73
N ILE A 75 4.34 0.14 -6.04
CA ILE A 75 5.38 1.09 -5.56
C ILE A 75 5.93 1.90 -6.74
N LEU A 76 5.81 3.24 -6.66
CA LEU A 76 6.38 4.18 -7.65
C LEU A 76 7.36 5.16 -6.94
N GLY A 77 7.74 4.81 -5.71
CA GLY A 77 8.77 5.53 -4.95
C GLY A 77 10.16 5.44 -5.58
N TYR A 14 3.68 -9.97 -8.53
CA TYR A 14 4.02 -8.55 -8.22
C TYR A 14 3.83 -8.19 -6.73
N GLY A 15 2.80 -8.78 -6.11
CA GLY A 15 2.51 -8.51 -4.70
C GLY A 15 3.49 -9.13 -3.74
N GLU A 16 3.81 -10.38 -4.01
CA GLU A 16 4.73 -11.16 -3.18
C GLU A 16 6.18 -10.64 -3.36
N TYR A 17 6.42 -10.03 -4.53
CA TYR A 17 7.68 -9.35 -4.88
C TYR A 17 7.84 -8.03 -4.09
N VAL A 18 6.78 -7.16 -4.10
CA VAL A 18 6.82 -5.85 -3.40
C VAL A 18 7.00 -6.04 -1.89
N GLN A 19 6.40 -7.14 -1.36
CA GLN A 19 6.51 -7.53 0.07
C GLN A 19 7.99 -7.61 0.50
N GLN A 20 8.88 -8.00 -0.43
CA GLN A 20 10.34 -8.08 -0.19
C GLN A 20 10.98 -6.68 -0.32
N THR A 21 10.72 -6.02 -1.47
CA THR A 21 11.45 -4.80 -1.90
C THR A 21 10.77 -3.49 -1.41
N LEU A 22 9.87 -3.61 -0.42
CA LEU A 22 9.26 -2.43 0.26
C LEU A 22 10.27 -1.78 1.23
N GLN A 23 10.16 -0.45 1.42
CA GLN A 23 11.00 0.33 2.36
C GLN A 23 10.11 0.96 3.44
N PRO A 24 10.57 0.99 4.74
CA PRO A 24 9.79 1.57 5.87
C PRO A 24 9.74 3.12 5.84
N GLY A 25 8.84 3.67 4.98
CA GLY A 25 8.57 5.12 4.95
C GLY A 25 8.67 5.68 3.54
N MET A 26 8.40 4.82 2.54
CA MET A 26 8.53 5.17 1.12
C MET A 26 7.16 5.54 0.51
N ARG A 27 7.22 6.06 -0.72
CA ARG A 27 6.05 6.45 -1.50
C ARG A 27 5.48 5.21 -2.18
N VAL A 28 4.19 4.96 -1.93
CA VAL A 28 3.45 3.89 -2.60
C VAL A 28 2.33 4.52 -3.43
N ARG A 29 1.70 3.67 -4.23
CA ARG A 29 0.66 4.04 -5.19
C ARG A 29 -0.43 2.96 -5.12
N MET A 30 -1.66 3.33 -5.46
CA MET A 30 -2.80 2.40 -5.46
C MET A 30 -3.01 1.90 -6.90
N LEU A 31 -3.00 0.57 -7.06
CA LEU A 31 -3.04 -0.09 -8.38
C LEU A 31 -4.49 -0.50 -8.76
N ASP A 32 -5.43 -0.40 -7.80
CA ASP A 32 -6.84 -0.78 -7.99
C ASP A 32 -7.74 0.07 -7.07
N ASP A 33 -9.02 0.22 -7.41
CA ASP A 33 -9.97 1.02 -6.61
C ASP A 33 -10.32 0.26 -5.33
N TYR A 34 -10.47 0.98 -4.21
CA TYR A 34 -10.74 0.38 -2.88
C TYR A 34 -11.89 1.12 -2.19
N GLU A 35 -12.34 0.55 -1.04
CA GLU A 35 -13.43 1.06 -0.16
C GLU A 35 -13.41 2.59 0.01
N GLU A 36 -12.26 3.09 0.47
CA GLU A 36 -12.08 4.50 0.85
C GLU A 36 -10.90 5.14 0.09
N ILE A 37 -10.28 4.35 -0.78
CA ILE A 37 -9.08 4.75 -1.54
C ILE A 37 -9.41 4.70 -3.04
N SER A 38 -8.94 5.68 -3.80
CA SER A 38 -9.14 5.73 -5.25
C SER A 38 -8.00 4.98 -5.97
N ALA A 39 -8.30 4.42 -7.16
CA ALA A 39 -7.28 3.83 -8.05
C ALA A 39 -6.35 4.94 -8.57
N GLY A 40 -5.05 4.81 -8.24
CA GLY A 40 -4.05 5.81 -8.62
C GLY A 40 -3.77 6.82 -7.50
N ASP A 41 -4.27 6.52 -6.28
CA ASP A 41 -3.99 7.35 -5.08
C ASP A 41 -2.59 7.03 -4.52
N GLU A 42 -1.97 8.00 -3.83
CA GLU A 42 -0.60 7.84 -3.30
C GLU A 42 -0.62 7.82 -1.77
N GLY A 43 -0.12 6.71 -1.23
CA GLY A 43 0.08 6.54 0.20
C GLY A 43 1.54 6.58 0.56
N GLU A 44 1.83 6.27 1.83
CA GLU A 44 3.20 6.09 2.31
C GLU A 44 3.22 4.83 3.18
N PHE A 45 4.27 4.00 3.02
CA PHE A 45 4.42 2.77 3.80
C PHE A 45 4.75 3.12 5.25
N ARG A 46 3.93 2.64 6.19
CA ARG A 46 4.10 2.94 7.62
C ARG A 46 4.64 1.69 8.33
N GLN A 47 3.98 0.56 8.06
CA GLN A 47 4.31 -0.75 8.62
C GLN A 47 3.55 -1.84 7.85
N SER A 48 3.94 -3.10 8.06
CA SER A 48 3.35 -4.26 7.38
C SER A 48 3.23 -5.43 8.34
N ASN A 49 2.69 -6.54 7.80
CA ASN A 49 2.70 -7.84 8.47
C ASN A 49 3.41 -8.83 7.53
N ASN A 50 4.49 -9.45 8.04
CA ASN A 50 5.41 -10.31 7.25
C ASN A 50 4.75 -11.63 6.83
N GLY A 51 3.76 -12.08 7.63
CA GLY A 51 2.98 -13.28 7.34
C GLY A 51 1.61 -12.95 6.78
N ILE A 52 1.01 -11.84 7.25
CA ILE A 52 -0.39 -11.50 6.95
C ILE A 52 -0.42 -10.48 5.77
N PRO A 53 -0.95 -10.86 4.57
CA PRO A 53 -0.81 -10.04 3.34
C PRO A 53 -1.45 -8.60 3.31
N PRO A 54 -2.53 -8.22 4.09
CA PRO A 54 -2.94 -6.80 4.18
C PRO A 54 -1.88 -5.95 4.91
N VAL A 55 -1.21 -5.07 4.13
CA VAL A 55 -0.30 -4.02 4.65
C VAL A 55 -1.09 -2.73 4.92
N GLN A 56 -0.72 -2.06 6.03
CA GLN A 56 -1.30 -0.77 6.44
C GLN A 56 -0.44 0.37 5.87
N VAL A 57 -1.07 1.24 5.06
CA VAL A 57 -0.43 2.37 4.35
C VAL A 57 -1.34 3.59 4.49
N PHE A 58 -0.73 4.75 4.76
CA PHE A 58 -1.46 6.01 5.00
C PHE A 58 -1.81 6.66 3.65
N TRP A 59 -3.09 6.58 3.26
CA TRP A 59 -3.60 7.08 1.98
C TRP A 59 -4.16 8.48 2.15
N GLN A 60 -3.76 9.39 1.24
CA GLN A 60 -4.24 10.78 1.23
C GLN A 60 -5.73 10.89 0.83
N SER A 61 -6.25 9.89 0.06
CA SER A 61 -7.67 9.85 -0.38
C SER A 61 -8.62 9.83 0.83
N THR A 62 -8.26 9.00 1.81
CA THR A 62 -9.09 8.75 3.01
C THR A 62 -8.52 9.46 4.26
N GLY A 63 -7.26 9.92 4.15
CA GLY A 63 -6.60 10.65 5.24
C GLY A 63 -6.12 9.76 6.37
N ARG A 64 -6.05 8.42 6.13
CA ARG A 64 -5.75 7.44 7.19
C ARG A 64 -5.10 6.18 6.61
N THR A 65 -4.68 5.31 7.54
CA THR A 65 -4.00 4.05 7.25
C THR A 65 -5.05 2.94 7.04
N TYR A 66 -4.89 2.13 5.97
CA TYR A 66 -5.87 1.08 5.63
C TYR A 66 -5.19 -0.19 5.11
N TRP A 67 -5.92 -1.30 5.23
CA TRP A 67 -5.48 -2.66 4.92
C TRP A 67 -5.72 -2.97 3.44
N VAL A 68 -4.64 -3.19 2.69
CA VAL A 68 -4.69 -3.55 1.25
C VAL A 68 -3.67 -4.67 0.97
N HIS A 69 -3.97 -5.57 0.02
CA HIS A 69 -3.04 -6.63 -0.41
C HIS A 69 -1.91 -5.98 -1.25
N TRP A 70 -0.72 -6.56 -1.13
CA TRP A 70 0.53 -6.12 -1.78
C TRP A 70 0.40 -5.97 -3.32
N HIS A 71 -0.44 -6.80 -3.95
CA HIS A 71 -0.58 -6.88 -5.43
C HIS A 71 -1.45 -5.73 -5.98
N MET A 72 -2.23 -5.09 -5.08
CA MET A 72 -2.98 -3.86 -5.40
C MET A 72 -2.25 -2.62 -4.85
N LEU A 73 -1.04 -2.85 -4.30
CA LEU A 73 -0.11 -1.79 -3.93
C LEU A 73 0.98 -1.75 -5.00
N GLU A 74 1.12 -0.60 -5.66
CA GLU A 74 2.15 -0.35 -6.68
C GLU A 74 3.21 0.55 -6.07
N ILE A 75 4.49 0.19 -6.16
CA ILE A 75 5.58 1.05 -5.68
C ILE A 75 6.16 1.87 -6.85
N LEU A 76 6.00 3.19 -6.76
CA LEU A 76 6.49 4.16 -7.76
C LEU A 76 7.33 5.24 -7.04
N GLY A 77 7.65 4.98 -5.75
CA GLY A 77 8.60 5.78 -4.97
C GLY A 77 10.02 5.78 -5.55
#